data_2A41
#
_entry.id   2A41
#
_cell.length_a   41.800
_cell.length_b   77.070
_cell.length_c   222.290
_cell.angle_alpha   90.00
_cell.angle_beta   90.00
_cell.angle_gamma   90.00
#
_symmetry.space_group_name_H-M   'P 21 21 21'
#
loop_
_entity.id
_entity.type
_entity.pdbx_description
1 polymer 'Actin, alpha skeletal muscle'
2 polymer Deoxyribonuclease-1
3 polymer 'Wiskott-Aldrich syndrome protein interacting protein'
4 branched beta-D-mannopyranose-(1-4)-2-acetamido-2-deoxy-beta-D-glucopyranose-(1-4)-2-acetamido-2-deoxy-beta-D-glucopyranose
5 non-polymer 'CALCIUM ION'
6 non-polymer "ADENOSINE-5'-TRIPHOSPHATE"
7 non-polymer 'MAGNESIUM ION'
8 non-polymer 'FORMIC ACID'
9 water water
#
loop_
_entity_poly.entity_id
_entity_poly.type
_entity_poly.pdbx_seq_one_letter_code
_entity_poly.pdbx_strand_id
1 'polypeptide(L)'
;DEDETTALVCDNGSGLVKAGFAGDDAPRAVFPSIVGRPRHQGVMVGMGQKDSYVGDEAQSKRGILTLKYPIE(HIC)GII
TNWDDMEKIWHHTFYNELRVAPEEHPTLLTEAPLNPKANREKMTQIMFETFNVPAMYVAIQAVLSLYASGRTTGIVLDSG
DGVTHNVPIYEGYALPHAIMRLDLAGRDLTDYLMKILTERGYSFVTTAEREIVRDIKEKLCYVALDFENEMATAASSSSL
EKSYELPDGQVITIGNERFRCPETLFQPSFIGMESAGIHETTYNSIMKCDIDIRKDLYANNVMSGGTTMYPGIADRMQKE
ITALAPSTMKIKIIAPPERKYSVWIGGSILASLSTFQQMWITKQEYDEAGPSIVHRKCF
;
A
2 'polypeptide(L)'
;LKIAAFNIRTFGETKMSNATLASYIVRIVRRYDIVLIQEVRDSHLVAVGKLLDYLNQDDPNTYHYVVSEPLGRNSYKERY
LFLFRPNKVSVLDTYQYDDGCESCGNDSFSREPAVVKFSSHSTKVKEFAIVALHSAPSDAVAEINSLYDVYLDVQQKWHL
NDVMLMGDFNADCSYVTSSQWSSIRLRTSSTFQWLIPDSADTTATSTNCAYDRIVVAGSLLQSSVVPGSAAPFDFQAAYG
LSNEMALAISDHYPVEVTLT
;
B
3 'polypeptide(L)' EQAGRNALLSDISKGKKLKKTVTNDRSAPILD C
#
# COMPACT_ATOMS: atom_id res chain seq x y z
N GLU A 4 -16.68 -25.12 16.99
CA GLU A 4 -15.40 -25.84 16.84
C GLU A 4 -14.17 -24.90 16.88
N THR A 5 -13.30 -25.12 17.87
CA THR A 5 -12.07 -24.32 18.10
C THR A 5 -11.02 -24.47 17.00
N THR A 6 -10.89 -23.44 16.16
CA THR A 6 -10.00 -23.51 15.00
C THR A 6 -8.65 -22.85 15.26
N ALA A 7 -7.57 -23.43 14.74
CA ALA A 7 -6.23 -22.86 14.96
C ALA A 7 -5.93 -21.82 13.91
N LEU A 8 -5.11 -20.84 14.29
CA LEU A 8 -4.71 -19.79 13.38
C LEU A 8 -3.37 -20.11 12.78
N VAL A 9 -3.12 -19.64 11.56
CA VAL A 9 -1.80 -19.75 10.93
C VAL A 9 -1.34 -18.39 10.45
N CYS A 10 -0.19 -17.98 10.94
CA CYS A 10 0.34 -16.68 10.66
C CYS A 10 1.82 -16.74 10.23
N ASP A 11 2.08 -16.40 8.98
CA ASP A 11 3.40 -16.47 8.37
C ASP A 11 3.93 -15.06 8.17
N ASN A 12 4.85 -14.66 9.04
CA ASN A 12 5.39 -13.28 9.05
C ASN A 12 6.57 -13.16 8.09
N GLY A 13 6.53 -12.22 7.16
CA GLY A 13 7.58 -12.12 6.19
C GLY A 13 8.12 -10.72 6.12
N SER A 14 9.23 -10.55 5.41
CA SER A 14 9.86 -9.25 5.29
C SER A 14 8.92 -8.29 4.57
N GLY A 15 8.23 -8.77 3.54
CA GLY A 15 7.36 -7.88 2.79
C GLY A 15 5.87 -8.07 3.06
N LEU A 16 5.46 -9.32 3.20
CA LEU A 16 4.04 -9.66 3.35
C LEU A 16 3.79 -10.52 4.55
N VAL A 17 2.71 -10.23 5.27
CA VAL A 17 2.15 -11.12 6.25
C VAL A 17 1.08 -11.94 5.54
N LYS A 18 1.09 -13.24 5.79
CA LYS A 18 0.08 -14.16 5.25
C LYS A 18 -0.66 -14.79 6.43
N ALA A 19 -1.95 -14.56 6.56
CA ALA A 19 -2.64 -15.07 7.74
C ALA A 19 -4.00 -15.71 7.44
N GLY A 20 -4.35 -16.72 8.26
CA GLY A 20 -5.68 -17.34 8.18
C GLY A 20 -5.91 -18.51 9.12
N PHE A 21 -6.72 -19.46 8.69
CA PHE A 21 -7.18 -20.52 9.56
C PHE A 21 -6.65 -21.89 9.10
N ALA A 22 -6.10 -22.67 10.03
CA ALA A 22 -5.70 -24.04 9.72
C ALA A 22 -6.89 -24.80 9.13
N GLY A 23 -6.63 -25.68 8.17
CA GLY A 23 -7.70 -26.39 7.47
C GLY A 23 -8.09 -25.78 6.13
N ASP A 24 -7.72 -24.51 5.91
CA ASP A 24 -8.01 -23.76 4.68
C ASP A 24 -6.95 -23.92 3.58
N ASP A 25 -7.37 -23.91 2.32
CA ASP A 25 -6.41 -24.08 1.22
C ASP A 25 -5.56 -22.82 0.94
N ALA A 26 -5.93 -21.69 1.53
CA ALA A 26 -5.23 -20.42 1.31
C ALA A 26 -5.45 -19.41 2.43
N PRO A 27 -4.54 -18.44 2.55
CA PRO A 27 -4.71 -17.44 3.62
C PRO A 27 -5.92 -16.58 3.38
N ARG A 28 -6.59 -16.16 4.44
CA ARG A 28 -7.68 -15.24 4.33
C ARG A 28 -7.10 -13.84 4.08
N ALA A 29 -5.84 -13.59 4.46
CA ALA A 29 -5.31 -12.24 4.36
C ALA A 29 -3.81 -12.21 4.02
N VAL A 30 -3.50 -11.39 3.03
CA VAL A 30 -2.15 -11.07 2.63
C VAL A 30 -2.02 -9.53 2.57
N PHE A 31 -1.17 -8.97 3.42
CA PHE A 31 -0.96 -7.53 3.45
C PHE A 31 0.51 -7.27 3.79
N PRO A 32 1.02 -6.08 3.46
CA PRO A 32 2.36 -5.59 3.76
C PRO A 32 2.73 -5.63 5.24
N SER A 33 3.96 -6.05 5.53
CA SER A 33 4.44 -6.12 6.90
C SER A 33 4.96 -4.75 7.30
N ILE A 34 4.05 -3.81 7.55
CA ILE A 34 4.45 -2.43 7.74
C ILE A 34 3.63 -1.77 8.80
N VAL A 35 4.26 -0.86 9.56
CA VAL A 35 3.55 0.00 10.50
C VAL A 35 3.90 1.48 10.33
N GLY A 36 2.88 2.33 10.25
CA GLY A 36 3.10 3.75 10.11
C GLY A 36 2.46 4.58 11.21
N ARG A 37 3.16 5.61 11.66
CA ARG A 37 2.61 6.60 12.57
C ARG A 37 2.57 7.95 11.84
N PRO A 38 1.45 8.67 11.96
CA PRO A 38 1.31 9.87 11.15
C PRO A 38 2.36 10.91 11.53
N ARG A 39 2.99 11.52 10.53
CA ARG A 39 3.96 12.59 10.72
C ARG A 39 3.26 13.91 11.02
N HIS A 40 1.95 13.94 10.85
CA HIS A 40 1.22 15.17 11.04
C HIS A 40 -0.19 14.91 11.61
N GLN A 41 -0.81 15.98 12.08
CA GLN A 41 -2.13 15.94 12.69
C GLN A 41 -3.23 16.19 11.66
N GLY A 42 -4.18 15.28 11.57
CA GLY A 42 -5.25 15.41 10.60
C GLY A 42 -6.07 14.15 10.54
N VAL A 43 -7.11 14.16 9.72
CA VAL A 43 -7.98 13.00 9.55
C VAL A 43 -8.25 12.73 8.07
N MET A 44 -8.54 11.48 7.74
CA MET A 44 -9.20 11.14 6.48
C MET A 44 -10.66 11.60 6.56
N VAL A 45 -11.24 12.02 5.43
CA VAL A 45 -12.62 12.48 5.45
C VAL A 45 -13.53 11.39 5.98
N GLY A 46 -14.44 11.78 6.87
CA GLY A 46 -15.41 10.85 7.45
C GLY A 46 -14.86 10.05 8.61
N MET A 47 -13.55 10.11 8.83
CA MET A 47 -12.88 9.30 9.86
C MET A 47 -12.46 10.10 11.08
N GLY A 48 -12.20 9.41 12.18
CA GLY A 48 -11.60 10.04 13.38
C GLY A 48 -10.09 9.94 13.35
N GLN A 49 -9.41 10.60 14.29
CA GLN A 49 -7.94 10.63 14.23
C GLN A 49 -7.34 9.29 14.66
N LYS A 50 -6.26 8.88 13.99
CA LYS A 50 -5.62 7.60 14.29
C LYS A 50 -4.12 7.71 14.65
N ASP A 51 -3.72 6.95 15.67
CA ASP A 51 -2.38 6.97 16.22
C ASP A 51 -1.45 6.28 15.29
N SER A 52 -1.97 5.31 14.55
CA SER A 52 -1.12 4.45 13.73
C SER A 52 -1.92 3.63 12.73
N TYR A 53 -1.28 3.27 11.62
CA TYR A 53 -1.90 2.40 10.64
C TYR A 53 -1.03 1.15 10.41
N VAL A 54 -1.67 0.09 9.93
CA VAL A 54 -0.97 -1.14 9.66
C VAL A 54 -1.35 -1.71 8.31
N GLY A 55 -0.39 -2.38 7.69
CA GLY A 55 -0.64 -3.20 6.53
C GLY A 55 -0.97 -2.41 5.28
N ASP A 56 -2.03 -2.80 4.61
CA ASP A 56 -2.43 -2.18 3.36
C ASP A 56 -2.66 -0.66 3.51
N GLU A 57 -3.27 -0.26 4.61
CA GLU A 57 -3.49 1.15 4.84
C GLU A 57 -2.21 1.92 5.00
N ALA A 58 -1.28 1.40 5.78
CA ALA A 58 0.00 2.08 5.90
C ALA A 58 0.69 2.25 4.51
N GLN A 59 0.71 1.19 3.72
CA GLN A 59 1.34 1.26 2.41
C GLN A 59 0.72 2.38 1.59
N SER A 60 -0.60 2.38 1.48
CA SER A 60 -1.25 3.37 0.64
C SER A 60 -1.26 4.81 1.19
N LYS A 61 -0.86 5.01 2.44
CA LYS A 61 -0.81 6.39 2.98
C LYS A 61 0.61 6.78 3.41
N ARG A 62 1.59 6.02 2.94
CA ARG A 62 2.94 6.09 3.43
C ARG A 62 3.48 7.51 3.43
N GLY A 63 3.09 8.28 2.43
CA GLY A 63 3.58 9.64 2.26
C GLY A 63 3.29 10.61 3.40
N ILE A 64 2.31 10.31 4.24
CA ILE A 64 2.07 11.14 5.41
C ILE A 64 2.42 10.41 6.69
N LEU A 65 3.24 9.37 6.57
CA LEU A 65 3.56 8.50 7.69
C LEU A 65 5.06 8.31 7.88
N THR A 66 5.42 7.66 8.96
CA THR A 66 6.77 7.19 9.16
C THR A 66 6.63 5.69 9.25
N LEU A 67 7.23 4.98 8.31
CA LEU A 67 7.02 3.55 8.21
C LEU A 67 8.12 2.83 8.92
N LYS A 68 7.81 1.62 9.37
CA LYS A 68 8.82 0.74 9.96
C LYS A 68 8.53 -0.66 9.53
N TYR A 69 9.58 -1.40 9.19
CA TYR A 69 9.46 -2.80 8.80
C TYR A 69 10.04 -3.62 9.92
N PRO A 70 9.17 -4.23 10.73
CA PRO A 70 9.66 -4.91 11.90
C PRO A 70 10.41 -6.19 11.54
N ILE A 71 10.39 -6.58 10.27
CA ILE A 71 11.01 -7.85 9.88
C ILE A 71 12.05 -7.66 8.80
N GLU A 72 13.31 -7.88 9.14
CA GLU A 72 14.39 -7.70 8.20
C GLU A 72 15.02 -9.04 7.90
N GLY A 74 13.77 -11.63 7.11
CA GLY A 74 13.01 -12.71 7.72
C GLY A 74 13.03 -12.77 9.25
N ILE A 75 13.96 -12.05 9.88
CA ILE A 75 14.11 -12.04 11.34
C ILE A 75 13.35 -10.84 11.93
N ILE A 76 12.72 -11.01 13.08
CA ILE A 76 12.05 -9.89 13.72
C ILE A 76 13.04 -9.05 14.52
N THR A 77 13.10 -7.75 14.21
CA THR A 77 14.04 -6.88 14.89
C THR A 77 13.34 -5.79 15.72
N ASN A 78 12.05 -5.56 15.48
CA ASN A 78 11.32 -4.55 16.22
C ASN A 78 10.05 -5.09 16.90
N TRP A 79 10.07 -5.23 18.22
CA TRP A 79 8.99 -5.96 18.89
C TRP A 79 7.71 -5.17 19.11
N ASP A 80 7.83 -3.91 19.52
CA ASP A 80 6.66 -3.06 19.66
C ASP A 80 5.85 -3.00 18.37
N ASP A 81 6.56 -2.93 17.25
CA ASP A 81 5.91 -2.84 15.98
C ASP A 81 5.41 -4.17 15.45
N MET A 82 6.09 -5.26 15.79
CA MET A 82 5.62 -6.58 15.39
C MET A 82 4.30 -6.80 16.11
N GLU A 83 4.29 -6.39 17.36
CA GLU A 83 3.12 -6.45 18.20
C GLU A 83 1.95 -5.71 17.56
N LYS A 84 2.18 -4.52 17.02
CA LYS A 84 1.10 -3.83 16.35
C LYS A 84 0.58 -4.62 15.16
N ILE A 85 1.48 -5.34 14.50
CA ILE A 85 1.09 -6.09 13.30
C ILE A 85 0.30 -7.34 13.64
N TRP A 86 0.73 -8.10 14.64
CA TRP A 86 -0.06 -9.25 15.07
C TRP A 86 -1.45 -8.87 15.58
N HIS A 87 -1.56 -7.67 16.16
CA HIS A 87 -2.83 -7.18 16.71
C HIS A 87 -3.76 -6.90 15.57
N HIS A 88 -3.28 -6.09 14.64
CA HIS A 88 -4.03 -5.83 13.44
C HIS A 88 -4.46 -7.16 12.80
N THR A 89 -3.57 -8.15 12.85
CA THR A 89 -3.88 -9.44 12.24
C THR A 89 -5.10 -10.12 12.88
N PHE A 90 -5.04 -10.41 14.16
CA PHE A 90 -6.20 -10.94 14.89
C PHE A 90 -7.47 -10.09 14.75
N TYR A 91 -7.44 -8.87 15.28
CA TYR A 91 -8.65 -8.06 15.43
C TYR A 91 -9.25 -7.45 14.14
N ASN A 92 -8.40 -7.00 13.22
CA ASN A 92 -8.89 -6.33 12.01
C ASN A 92 -8.98 -7.26 10.81
N GLU A 93 -7.92 -8.02 10.56
CA GLU A 93 -7.81 -8.86 9.39
C GLU A 93 -8.59 -10.16 9.56
N LEU A 94 -8.30 -10.92 10.60
CA LEU A 94 -8.97 -12.19 10.77
C LEU A 94 -10.25 -12.03 11.58
N ARG A 95 -10.41 -10.84 12.19
CA ARG A 95 -11.58 -10.52 12.99
C ARG A 95 -11.80 -11.55 14.10
N VAL A 96 -10.76 -11.97 14.80
CA VAL A 96 -10.94 -12.96 15.88
C VAL A 96 -10.30 -12.53 17.18
N ALA A 97 -10.68 -13.23 18.25
CA ALA A 97 -10.12 -13.04 19.58
C ALA A 97 -8.99 -14.05 19.82
N PRO A 98 -7.76 -13.55 19.97
CA PRO A 98 -6.61 -14.42 20.17
C PRO A 98 -6.76 -15.35 21.36
N GLU A 99 -7.42 -14.89 22.42
CA GLU A 99 -7.44 -15.64 23.66
C GLU A 99 -8.18 -16.97 23.50
N GLU A 100 -8.73 -17.23 22.30
CA GLU A 100 -9.42 -18.49 22.05
C GLU A 100 -9.00 -19.24 20.77
N HIS A 101 -7.79 -19.01 20.29
CA HIS A 101 -7.31 -19.78 19.16
C HIS A 101 -5.88 -20.24 19.35
N PRO A 102 -5.62 -21.53 19.20
CA PRO A 102 -4.21 -21.85 19.09
C PRO A 102 -3.64 -21.13 17.87
N THR A 103 -2.37 -20.78 17.92
CA THR A 103 -1.76 -20.02 16.82
C THR A 103 -0.43 -20.62 16.43
N LEU A 104 -0.28 -20.94 15.14
CA LEU A 104 1.00 -21.40 14.62
C LEU A 104 1.71 -20.20 14.04
N LEU A 105 2.97 -20.00 14.42
CA LEU A 105 3.75 -18.89 13.88
C LEU A 105 4.93 -19.45 13.11
N THR A 106 5.44 -18.72 12.13
CA THR A 106 6.62 -19.19 11.42
C THR A 106 7.84 -18.34 11.74
N GLU A 107 9.03 -18.89 11.54
CA GLU A 107 10.25 -18.14 11.73
C GLU A 107 11.21 -18.38 10.53
N ALA A 108 12.15 -17.46 10.31
CA ALA A 108 13.17 -17.70 9.30
C ALA A 108 14.08 -18.82 9.78
N PRO A 109 14.78 -19.49 8.86
CA PRO A 109 15.86 -20.38 9.28
C PRO A 109 16.94 -19.63 10.06
N LEU A 110 17.66 -20.35 10.90
CA LEU A 110 18.69 -19.78 11.77
C LEU A 110 18.18 -18.65 12.69
N ASN A 111 16.88 -18.62 12.94
CA ASN A 111 16.35 -17.67 13.90
C ASN A 111 17.01 -17.86 15.28
N PRO A 112 17.56 -16.79 15.88
CA PRO A 112 18.19 -16.91 17.20
C PRO A 112 17.19 -17.39 18.25
N LYS A 113 17.67 -18.14 19.24
CA LYS A 113 16.79 -18.69 20.27
C LYS A 113 16.04 -17.57 20.98
N ALA A 114 16.74 -16.52 21.42
CA ALA A 114 16.10 -15.44 22.17
C ALA A 114 14.89 -14.90 21.41
N ASN A 115 14.98 -14.95 20.11
CA ASN A 115 13.94 -14.46 19.25
C ASN A 115 12.72 -15.34 19.35
N ARG A 116 12.94 -16.64 19.25
CA ARG A 116 11.87 -17.61 19.35
C ARG A 116 11.16 -17.49 20.71
N GLU A 117 11.95 -17.17 21.73
CA GLU A 117 11.42 -17.04 23.06
C GLU A 117 10.57 -15.79 23.22
N LYS A 118 11.04 -14.67 22.70
CA LYS A 118 10.30 -13.41 22.80
C LYS A 118 8.97 -13.53 22.05
N MET A 119 9.00 -14.22 20.93
CA MET A 119 7.82 -14.56 20.14
C MET A 119 6.81 -15.31 21.01
N THR A 120 7.27 -16.31 21.70
CA THR A 120 6.41 -17.10 22.54
C THR A 120 5.85 -16.26 23.65
N GLN A 121 6.71 -15.47 24.25
CA GLN A 121 6.34 -14.72 25.43
C GLN A 121 5.24 -13.72 25.10
N ILE A 122 5.32 -13.13 23.91
CA ILE A 122 4.35 -12.13 23.55
C ILE A 122 3.01 -12.80 23.33
N MET A 123 3.03 -13.95 22.66
CA MET A 123 1.82 -14.67 22.35
C MET A 123 1.06 -15.03 23.62
N PHE A 124 1.79 -15.49 24.62
CA PHE A 124 1.15 -15.90 25.86
C PHE A 124 0.79 -14.70 26.76
N GLU A 125 1.73 -13.80 26.95
CA GLU A 125 1.54 -12.75 27.94
C GLU A 125 0.89 -11.49 27.39
N THR A 126 1.03 -11.24 26.11
CA THR A 126 0.31 -10.11 25.58
C THR A 126 -1.05 -10.53 25.05
N PHE A 127 -1.07 -11.49 24.14
CA PHE A 127 -2.28 -11.83 23.42
C PHE A 127 -3.03 -12.95 24.09
N ASN A 128 -2.34 -13.65 24.98
CA ASN A 128 -3.05 -14.52 25.87
C ASN A 128 -3.65 -15.74 25.17
N VAL A 129 -2.97 -16.22 24.12
CA VAL A 129 -3.44 -17.37 23.35
C VAL A 129 -3.57 -18.59 24.24
N PRO A 130 -4.49 -19.51 23.91
CA PRO A 130 -4.55 -20.77 24.67
C PRO A 130 -3.35 -21.69 24.41
N ALA A 131 -2.82 -21.67 23.19
CA ALA A 131 -1.66 -22.50 22.86
C ALA A 131 -0.99 -22.00 21.57
N MET A 132 0.32 -22.13 21.46
CA MET A 132 1.00 -21.67 20.26
C MET A 132 2.14 -22.57 19.87
N TYR A 133 2.62 -22.40 18.65
CA TYR A 133 3.71 -23.20 18.12
C TYR A 133 4.45 -22.35 17.12
N VAL A 134 5.71 -22.68 16.92
CA VAL A 134 6.55 -21.99 15.98
C VAL A 134 7.20 -23.04 15.09
N ALA A 135 7.10 -22.84 13.78
CA ALA A 135 7.74 -23.77 12.86
C ALA A 135 8.56 -23.00 11.90
N ILE A 136 9.54 -23.68 11.32
CA ILE A 136 10.48 -23.06 10.39
C ILE A 136 9.82 -23.01 9.03
N GLN A 137 9.94 -21.88 8.35
CA GLN A 137 9.18 -21.69 7.12
C GLN A 137 9.51 -22.69 6.01
N ALA A 138 10.79 -22.90 5.76
CA ALA A 138 11.16 -23.72 4.63
C ALA A 138 10.51 -25.07 4.84
N VAL A 139 10.54 -25.52 6.09
CA VAL A 139 10.04 -26.83 6.46
C VAL A 139 8.57 -26.96 6.17
N LEU A 140 7.78 -25.92 6.47
CA LEU A 140 6.35 -25.94 6.21
C LEU A 140 6.02 -26.06 4.76
N SER A 141 6.86 -25.51 3.88
CA SER A 141 6.54 -25.55 2.46
C SER A 141 7.02 -26.84 1.84
N LEU A 142 8.02 -27.46 2.46
CA LEU A 142 8.32 -28.85 2.16
C LEU A 142 7.06 -29.67 2.47
N TYR A 143 6.53 -29.52 3.69
CA TYR A 143 5.33 -30.27 4.16
C TYR A 143 4.17 -30.15 3.20
N ALA A 144 3.92 -28.91 2.77
CA ALA A 144 2.83 -28.60 1.86
C ALA A 144 2.91 -29.42 0.58
N SER A 145 4.12 -29.82 0.20
CA SER A 145 4.29 -30.59 -1.02
C SER A 145 4.22 -32.07 -0.71
N GLY A 146 3.69 -32.40 0.47
CA GLY A 146 3.47 -33.80 0.83
C GLY A 146 4.73 -34.61 1.16
N ARG A 147 5.84 -33.94 1.42
CA ARG A 147 7.03 -34.69 1.77
C ARG A 147 7.75 -34.19 3.04
N THR A 148 8.64 -35.03 3.55
CA THR A 148 9.27 -34.79 4.84
C THR A 148 10.80 -34.81 4.78
N THR A 149 11.34 -35.30 3.67
CA THR A 149 12.77 -35.16 3.38
C THR A 149 12.93 -34.36 2.08
N GLY A 150 13.93 -33.49 2.03
CA GLY A 150 14.26 -32.79 0.79
C GLY A 150 14.93 -31.44 0.99
N ILE A 151 15.11 -30.72 -0.11
CA ILE A 151 15.74 -29.42 -0.01
C ILE A 151 14.89 -28.29 -0.58
N VAL A 152 14.62 -27.29 0.26
CA VAL A 152 13.77 -26.18 -0.12
C VAL A 152 14.62 -25.00 -0.61
N LEU A 153 14.18 -24.33 -1.69
CA LEU A 153 14.71 -23.01 -2.01
C LEU A 153 13.58 -22.00 -1.78
N ASP A 154 13.73 -21.18 -0.76
CA ASP A 154 12.68 -20.24 -0.36
C ASP A 154 13.20 -18.84 -0.65
N SER A 155 12.52 -18.13 -1.53
CA SER A 155 13.01 -16.81 -1.93
C SER A 155 11.87 -15.83 -1.89
N GLY A 156 11.95 -14.88 -0.97
CA GLY A 156 10.86 -13.95 -0.73
C GLY A 156 11.25 -12.54 -1.12
N ASP A 157 11.08 -11.60 -0.20
CA ASP A 157 11.27 -10.19 -0.54
C ASP A 157 12.66 -9.67 -0.12
N GLY A 158 13.17 -10.19 0.99
CA GLY A 158 14.48 -9.71 1.45
C GLY A 158 15.57 -10.76 1.45
N VAL A 159 15.17 -12.03 1.38
CA VAL A 159 16.13 -13.05 1.68
C VAL A 159 15.79 -14.38 1.01
N THR A 160 16.84 -15.12 0.69
CA THR A 160 16.72 -16.40 0.00
C THR A 160 17.52 -17.45 0.76
N HIS A 161 16.90 -18.57 1.10
CA HIS A 161 17.59 -19.64 1.81
C HIS A 161 17.57 -20.95 1.03
N ASN A 162 18.63 -21.73 1.23
CA ASN A 162 18.60 -23.15 0.92
C ASN A 162 18.56 -23.91 2.25
N VAL A 163 17.53 -24.74 2.42
CA VAL A 163 17.30 -25.43 3.69
C VAL A 163 17.14 -26.94 3.43
N PRO A 164 18.21 -27.73 3.69
CA PRO A 164 18.15 -29.19 3.63
C PRO A 164 17.32 -29.73 4.78
N ILE A 165 16.36 -30.62 4.52
CA ILE A 165 15.50 -31.13 5.59
C ILE A 165 15.60 -32.62 5.57
N TYR A 166 15.72 -33.23 6.75
CA TYR A 166 15.75 -34.69 6.82
C TYR A 166 14.77 -35.19 7.86
N GLU A 167 13.89 -36.09 7.43
CA GLU A 167 12.85 -36.59 8.31
C GLU A 167 12.21 -35.50 9.16
N GLY A 168 11.89 -34.37 8.54
CA GLY A 168 11.11 -33.34 9.18
C GLY A 168 11.92 -32.27 9.87
N TYR A 169 13.22 -32.53 10.04
CA TYR A 169 14.12 -31.60 10.71
C TYR A 169 15.00 -30.89 9.70
N ALA A 170 15.04 -29.56 9.78
CA ALA A 170 16.01 -28.76 9.03
C ALA A 170 17.43 -29.13 9.47
N LEU A 171 18.40 -29.02 8.56
CA LEU A 171 19.78 -29.32 8.94
C LEU A 171 20.62 -28.05 9.06
N PRO A 172 20.60 -27.42 10.24
CA PRO A 172 21.20 -26.10 10.46
C PRO A 172 22.57 -25.92 9.77
N HIS A 173 23.47 -26.89 9.96
CA HIS A 173 24.86 -26.83 9.44
C HIS A 173 24.99 -26.63 7.93
N ALA A 174 23.98 -27.04 7.17
CA ALA A 174 24.10 -26.97 5.71
C ALA A 174 23.26 -25.87 5.08
N ILE A 175 22.57 -25.11 5.90
CA ILE A 175 21.71 -24.04 5.40
C ILE A 175 22.54 -22.93 4.75
N MET A 176 22.14 -22.49 3.56
CA MET A 176 22.75 -21.32 2.92
C MET A 176 21.77 -20.16 2.85
N ARG A 177 22.32 -18.96 3.05
CA ARG A 177 21.57 -17.75 2.97
C ARG A 177 22.20 -16.83 1.96
N LEU A 178 21.36 -16.38 1.04
CA LEU A 178 21.77 -15.46 0.03
C LEU A 178 20.95 -14.19 0.25
N ASP A 179 21.65 -13.06 0.36
CA ASP A 179 20.99 -11.81 0.73
C ASP A 179 20.48 -11.04 -0.45
N LEU A 180 19.69 -11.69 -1.29
CA LEU A 180 19.23 -11.09 -2.52
C LEU A 180 17.86 -11.69 -2.79
N ALA A 181 16.87 -10.86 -3.12
CA ALA A 181 15.52 -11.39 -3.32
C ALA A 181 14.63 -10.43 -4.10
N GLY A 182 13.33 -10.55 -3.95
CA GLY A 182 12.40 -9.75 -4.74
C GLY A 182 12.75 -8.27 -4.82
N ARG A 183 13.12 -7.69 -3.71
CA ARG A 183 13.35 -6.25 -3.66
C ARG A 183 14.54 -5.89 -4.53
N ASP A 184 15.67 -6.53 -4.32
CA ASP A 184 16.80 -6.29 -5.19
C ASP A 184 16.42 -6.49 -6.66
N LEU A 185 15.57 -7.47 -6.94
CA LEU A 185 15.15 -7.70 -8.31
C LEU A 185 14.34 -6.53 -8.83
N THR A 186 13.32 -6.11 -8.09
CA THR A 186 12.66 -4.87 -8.46
C THR A 186 13.60 -3.71 -8.74
N ASP A 187 14.58 -3.49 -7.86
CA ASP A 187 15.50 -2.33 -8.02
C ASP A 187 16.34 -2.44 -9.28
N TYR A 188 16.70 -3.67 -9.60
CA TYR A 188 17.57 -3.90 -10.72
C TYR A 188 16.79 -3.72 -12.02
N LEU A 189 15.52 -4.12 -12.04
CA LEU A 189 14.68 -3.84 -13.21
C LEU A 189 14.56 -2.33 -13.37
N MET A 190 14.32 -1.63 -12.27
CA MET A 190 14.22 -0.19 -12.31
C MET A 190 15.50 0.43 -12.85
N LYS A 191 16.65 -0.03 -12.36
CA LYS A 191 17.92 0.38 -12.94
C LYS A 191 18.04 0.15 -14.45
N ILE A 192 17.67 -1.06 -14.93
CA ILE A 192 17.90 -1.36 -16.35
C ILE A 192 16.80 -0.81 -17.24
N LEU A 193 15.63 -0.54 -16.70
CA LEU A 193 14.62 0.18 -17.48
C LEU A 193 15.09 1.60 -17.71
N THR A 194 15.69 2.19 -16.68
CA THR A 194 16.21 3.54 -16.74
C THR A 194 17.36 3.61 -17.76
N GLU A 195 18.24 2.61 -17.72
CA GLU A 195 19.39 2.56 -18.64
C GLU A 195 19.01 2.64 -20.10
N ARG A 196 17.75 2.33 -20.43
CA ARG A 196 17.34 2.44 -21.80
C ARG A 196 16.44 3.66 -21.99
N GLY A 197 16.39 4.52 -20.99
CA GLY A 197 15.79 5.82 -21.20
C GLY A 197 14.46 6.06 -20.52
N TYR A 198 13.88 5.04 -19.92
CA TYR A 198 12.63 5.23 -19.18
C TYR A 198 12.89 5.88 -17.81
N SER A 199 11.85 6.44 -17.24
CA SER A 199 12.00 7.11 -15.95
C SER A 199 10.95 6.64 -14.93
N PHE A 200 11.41 6.29 -13.73
CA PHE A 200 10.55 5.79 -12.69
C PHE A 200 11.01 6.34 -11.37
N VAL A 201 10.40 7.45 -10.95
CA VAL A 201 10.86 8.10 -9.72
C VAL A 201 9.73 8.38 -8.73
N THR A 202 8.50 8.60 -9.20
CA THR A 202 7.36 8.68 -8.24
C THR A 202 7.16 7.35 -7.50
N THR A 203 6.36 7.38 -6.44
CA THR A 203 6.02 6.17 -5.73
C THR A 203 5.20 5.22 -6.61
N ALA A 204 4.22 5.78 -7.32
CA ALA A 204 3.42 5.00 -8.24
C ALA A 204 4.33 4.38 -9.30
N GLU A 205 5.30 5.18 -9.77
CA GLU A 205 6.20 4.75 -10.83
C GLU A 205 7.12 3.59 -10.40
N ARG A 206 7.56 3.60 -9.16
CA ARG A 206 8.28 2.48 -8.60
C ARG A 206 7.37 1.25 -8.45
N GLU A 207 6.13 1.48 -8.10
CA GLU A 207 5.14 0.43 -7.96
C GLU A 207 4.90 -0.24 -9.29
N ILE A 208 4.86 0.56 -10.34
CA ILE A 208 4.79 0.08 -11.71
C ILE A 208 5.94 -0.87 -12.10
N VAL A 209 7.17 -0.58 -11.67
CA VAL A 209 8.27 -1.48 -12.00
C VAL A 209 7.97 -2.86 -11.43
N ARG A 210 7.58 -2.91 -10.16
CA ARG A 210 7.19 -4.20 -9.55
C ARG A 210 6.14 -4.91 -10.37
N ASP A 211 5.12 -4.19 -10.81
CA ASP A 211 4.09 -4.79 -11.64
C ASP A 211 4.66 -5.47 -12.91
N ILE A 212 5.57 -4.79 -13.61
CA ILE A 212 6.21 -5.29 -14.83
C ILE A 212 7.04 -6.53 -14.53
N LYS A 213 7.76 -6.47 -13.43
CA LYS A 213 8.49 -7.65 -12.92
C LYS A 213 7.57 -8.85 -12.77
N GLU A 214 6.47 -8.66 -12.04
CA GLU A 214 5.61 -9.78 -11.65
C GLU A 214 4.82 -10.34 -12.83
N LYS A 215 4.69 -9.54 -13.89
CA LYS A 215 3.83 -9.95 -14.99
C LYS A 215 4.56 -10.29 -16.26
N LEU A 216 5.75 -9.73 -16.47
CA LEU A 216 6.38 -9.90 -17.78
C LEU A 216 7.74 -10.58 -17.77
N CYS A 217 8.31 -10.74 -16.58
CA CYS A 217 9.65 -11.31 -16.42
C CYS A 217 9.62 -12.82 -16.45
N TYR A 218 10.74 -13.41 -16.81
CA TYR A 218 10.89 -14.87 -16.82
C TYR A 218 12.39 -15.21 -16.80
N VAL A 219 12.68 -16.48 -16.57
CA VAL A 219 14.05 -16.95 -16.60
C VAL A 219 14.33 -17.68 -17.91
N ALA A 220 15.39 -17.29 -18.61
CA ALA A 220 15.76 -17.99 -19.84
C ALA A 220 16.33 -19.34 -19.48
N LEU A 221 15.95 -20.34 -20.26
CA LEU A 221 16.53 -21.66 -20.11
C LEU A 221 18.04 -21.60 -20.46
N ASP A 222 18.40 -20.71 -21.39
CA ASP A 222 19.81 -20.42 -21.67
C ASP A 222 20.02 -18.94 -21.97
N PHE A 223 20.61 -18.25 -21.01
CA PHE A 223 20.69 -16.81 -21.02
C PHE A 223 21.36 -16.28 -22.28
N GLU A 224 22.44 -16.92 -22.70
CA GLU A 224 23.18 -16.38 -23.84
C GLU A 224 22.46 -16.56 -25.18
N ASN A 225 21.71 -17.63 -25.34
CA ASN A 225 20.84 -17.78 -26.50
C ASN A 225 19.69 -16.79 -26.51
N GLU A 226 19.17 -16.48 -25.32
CA GLU A 226 18.08 -15.53 -25.20
C GLU A 226 18.55 -14.15 -25.59
N MET A 227 19.67 -13.71 -25.03
CA MET A 227 20.35 -12.49 -25.50
C MET A 227 20.49 -12.48 -27.04
N ALA A 228 20.96 -13.57 -27.64
CA ALA A 228 21.08 -13.59 -29.12
C ALA A 228 19.75 -13.39 -29.86
N THR A 229 18.72 -14.15 -29.48
CA THR A 229 17.39 -13.98 -30.04
C THR A 229 16.85 -12.54 -29.91
N ALA A 230 16.93 -11.94 -28.73
CA ALA A 230 16.41 -10.57 -28.55
C ALA A 230 17.21 -9.58 -29.39
N ALA A 231 18.48 -9.89 -29.63
CA ALA A 231 19.33 -9.02 -30.43
C ALA A 231 19.00 -9.07 -31.92
N SER A 232 18.26 -10.09 -32.34
CA SER A 232 18.00 -10.24 -33.76
C SER A 232 16.56 -10.44 -34.17
N SER A 233 15.61 -10.02 -33.34
CA SER A 233 14.19 -10.20 -33.67
C SER A 233 13.33 -9.58 -32.60
N SER A 234 12.14 -9.16 -33.00
CA SER A 234 11.22 -8.57 -32.04
C SER A 234 10.44 -9.65 -31.26
N SER A 235 10.68 -10.92 -31.62
CA SER A 235 9.91 -12.06 -31.08
C SER A 235 9.73 -12.09 -29.54
N LEU A 236 10.62 -11.42 -28.80
CA LEU A 236 10.55 -11.37 -27.34
C LEU A 236 10.10 -10.02 -26.75
N GLU A 237 9.97 -8.99 -27.61
CA GLU A 237 9.40 -7.70 -27.21
C GLU A 237 8.00 -7.87 -26.61
N LYS A 238 7.62 -6.98 -25.71
CA LYS A 238 6.33 -7.09 -25.07
C LYS A 238 5.89 -5.68 -24.70
N SER A 239 4.69 -5.33 -25.13
CA SER A 239 4.09 -4.05 -24.81
C SER A 239 3.58 -4.12 -23.40
N TYR A 240 3.66 -3.01 -22.68
CA TYR A 240 3.08 -2.97 -21.35
C TYR A 240 2.40 -1.63 -21.20
N GLU A 241 1.15 -1.64 -20.77
CA GLU A 241 0.35 -0.44 -20.76
C GLU A 241 0.27 0.25 -19.39
N LEU A 242 0.66 1.52 -19.36
CA LEU A 242 0.64 2.35 -18.15
C LEU A 242 -0.80 2.84 -17.84
N PRO A 243 -1.03 3.26 -16.59
CA PRO A 243 -2.29 3.92 -16.23
C PRO A 243 -2.78 4.96 -17.26
N ASP A 244 -1.91 5.88 -17.65
CA ASP A 244 -2.27 6.91 -18.63
C ASP A 244 -2.46 6.34 -20.04
N GLY A 245 -2.27 5.04 -20.18
CA GLY A 245 -2.66 4.37 -21.40
C GLY A 245 -1.61 4.33 -22.49
N GLN A 246 -0.56 5.12 -22.37
CA GLN A 246 0.53 4.99 -23.33
C GLN A 246 1.38 3.73 -23.01
N VAL A 247 2.07 3.24 -24.04
CA VAL A 247 2.61 1.89 -24.03
C VAL A 247 4.14 1.93 -24.04
N ILE A 248 4.78 1.04 -23.28
CA ILE A 248 6.24 0.88 -23.38
C ILE A 248 6.65 -0.55 -23.72
N THR A 249 7.84 -0.70 -24.31
CA THR A 249 8.27 -2.01 -24.75
C THR A 249 9.36 -2.56 -23.87
N ILE A 250 9.31 -3.86 -23.67
CA ILE A 250 10.17 -4.53 -22.73
C ILE A 250 10.76 -5.71 -23.46
N GLY A 251 12.05 -5.62 -23.76
CA GLY A 251 12.72 -6.69 -24.49
C GLY A 251 13.51 -7.61 -23.58
N ASN A 252 14.83 -7.54 -23.68
CA ASN A 252 15.65 -8.46 -22.91
C ASN A 252 15.64 -8.19 -21.40
N GLU A 253 15.19 -7.01 -20.99
CA GLU A 253 15.03 -6.72 -19.56
C GLU A 253 14.13 -7.77 -18.89
N ARG A 254 13.18 -8.33 -19.63
CA ARG A 254 12.29 -9.36 -19.11
C ARG A 254 13.05 -10.54 -18.51
N PHE A 255 14.14 -10.95 -19.15
CA PHE A 255 14.85 -12.10 -18.58
C PHE A 255 16.19 -11.77 -17.97
N ARG A 256 16.71 -10.57 -18.21
CA ARG A 256 17.93 -10.17 -17.53
C ARG A 256 17.62 -9.93 -16.05
N CYS A 257 16.42 -9.42 -15.78
CA CYS A 257 16.11 -9.08 -14.41
C CYS A 257 16.26 -10.29 -13.49
N PRO A 258 15.48 -11.36 -13.70
CA PRO A 258 15.58 -12.57 -12.88
C PRO A 258 16.86 -13.38 -13.02
N GLU A 259 17.65 -13.12 -14.07
CA GLU A 259 18.89 -13.85 -14.27
C GLU A 259 19.80 -13.55 -13.10
N THR A 260 19.55 -12.42 -12.45
CA THR A 260 20.34 -12.01 -11.30
C THR A 260 20.40 -13.12 -10.25
N LEU A 261 19.30 -13.85 -10.07
CA LEU A 261 19.24 -14.96 -9.11
C LEU A 261 20.37 -15.98 -9.37
N PHE A 262 20.69 -16.20 -10.65
CA PHE A 262 21.78 -17.11 -11.02
C PHE A 262 23.15 -16.44 -11.13
N GLN A 263 23.15 -15.13 -11.41
CA GLN A 263 24.38 -14.38 -11.56
C GLN A 263 24.33 -13.09 -10.74
N PRO A 264 24.45 -13.20 -9.41
CA PRO A 264 24.35 -12.04 -8.51
C PRO A 264 25.31 -10.90 -8.85
N SER A 265 26.32 -11.17 -9.66
CA SER A 265 27.25 -10.12 -10.06
C SER A 265 26.52 -9.08 -10.89
N PHE A 266 25.33 -9.41 -11.37
CA PHE A 266 24.59 -8.44 -12.12
C PHE A 266 24.32 -7.23 -11.24
N ILE A 267 24.32 -7.39 -9.92
CA ILE A 267 24.14 -6.23 -9.05
C ILE A 267 25.33 -6.00 -8.08
N GLY A 268 26.51 -6.46 -8.49
CA GLY A 268 27.73 -6.19 -7.73
C GLY A 268 28.01 -7.13 -6.59
N MET A 269 27.23 -8.19 -6.43
CA MET A 269 27.48 -9.12 -5.35
C MET A 269 28.48 -10.18 -5.76
N GLU A 270 29.20 -10.70 -4.78
CA GLU A 270 30.18 -11.74 -5.05
C GLU A 270 29.66 -13.16 -4.79
N SER A 271 28.36 -13.30 -4.56
CA SER A 271 27.77 -14.60 -4.21
C SER A 271 27.80 -15.65 -5.32
N ALA A 272 27.71 -16.90 -4.91
CA ALA A 272 27.24 -17.97 -5.77
C ALA A 272 25.73 -17.77 -6.07
N GLY A 273 25.29 -18.18 -7.25
CA GLY A 273 23.88 -18.08 -7.59
C GLY A 273 23.06 -19.19 -6.95
N ILE A 274 21.75 -19.04 -6.95
CA ILE A 274 20.84 -20.02 -6.30
C ILE A 274 21.02 -21.48 -6.77
N HIS A 275 21.59 -21.67 -7.97
CA HIS A 275 21.77 -23.01 -8.46
C HIS A 275 22.98 -23.58 -7.77
N GLU A 276 23.97 -22.72 -7.57
CA GLU A 276 25.21 -23.13 -6.99
C GLU A 276 25.07 -23.30 -5.48
N THR A 277 24.27 -22.45 -4.85
CA THR A 277 24.05 -22.61 -3.42
C THR A 277 23.18 -23.81 -3.16
N THR A 278 22.23 -24.08 -4.05
CA THR A 278 21.44 -25.29 -3.88
C THR A 278 22.35 -26.52 -3.91
N TYR A 279 23.23 -26.59 -4.92
CA TYR A 279 24.19 -27.67 -5.00
C TYR A 279 25.19 -27.67 -3.84
N ASN A 280 25.70 -26.52 -3.44
CA ASN A 280 26.66 -26.52 -2.31
C ASN A 280 26.00 -27.02 -1.03
N SER A 281 24.69 -26.85 -0.91
CA SER A 281 24.04 -27.20 0.33
C SER A 281 23.88 -28.71 0.41
N ILE A 282 23.41 -29.31 -0.68
CA ILE A 282 23.31 -30.76 -0.80
C ILE A 282 24.64 -31.45 -0.52
N MET A 283 25.74 -30.84 -0.97
CA MET A 283 27.10 -31.39 -0.87
C MET A 283 27.71 -31.20 0.50
N LYS A 284 27.06 -30.41 1.35
CA LYS A 284 27.46 -30.33 2.75
C LYS A 284 26.68 -31.34 3.57
N CYS A 285 25.98 -32.25 2.90
CA CYS A 285 25.15 -33.20 3.61
C CYS A 285 25.65 -34.63 3.52
N ASP A 286 25.14 -35.45 4.44
CA ASP A 286 25.44 -36.86 4.50
C ASP A 286 25.36 -37.53 3.15
N ILE A 287 26.34 -38.37 2.84
CA ILE A 287 26.39 -39.06 1.54
C ILE A 287 25.08 -39.82 1.22
N ASP A 288 24.60 -40.60 2.18
CA ASP A 288 23.33 -41.31 2.05
C ASP A 288 22.11 -40.45 1.66
N ILE A 289 21.95 -39.30 2.29
CA ILE A 289 20.73 -38.52 2.09
C ILE A 289 20.71 -37.65 0.81
N ARG A 290 21.83 -37.59 0.10
CA ARG A 290 21.94 -36.69 -1.06
C ARG A 290 21.01 -37.03 -2.24
N LYS A 291 20.91 -38.31 -2.58
CA LYS A 291 19.96 -38.77 -3.59
C LYS A 291 18.57 -38.22 -3.30
N ASP A 292 18.13 -38.30 -2.05
CA ASP A 292 16.80 -37.80 -1.68
C ASP A 292 16.70 -36.29 -1.71
N LEU A 293 17.80 -35.59 -1.48
CA LEU A 293 17.76 -34.15 -1.59
C LEU A 293 17.61 -33.73 -3.05
N TYR A 294 18.42 -34.33 -3.92
CA TYR A 294 18.34 -34.06 -5.35
C TYR A 294 16.96 -34.37 -5.95
N ALA A 295 16.34 -35.46 -5.51
CA ALA A 295 15.05 -35.84 -6.10
C ALA A 295 13.89 -35.04 -5.52
N ASN A 296 14.20 -34.14 -4.60
CA ASN A 296 13.16 -33.45 -3.83
C ASN A 296 13.48 -31.98 -3.56
N ASN A 297 13.84 -31.31 -4.64
CA ASN A 297 14.13 -29.91 -4.63
C ASN A 297 12.87 -29.03 -4.74
N VAL A 298 12.28 -28.66 -3.61
CA VAL A 298 11.05 -27.85 -3.61
C VAL A 298 11.31 -26.34 -3.58
N MET A 299 10.53 -25.59 -4.35
CA MET A 299 10.70 -24.15 -4.42
C MET A 299 9.51 -23.44 -3.83
N SER A 300 9.76 -22.41 -3.01
CA SER A 300 8.68 -21.66 -2.39
C SER A 300 9.04 -20.19 -2.25
N GLY A 301 8.02 -19.32 -2.13
CA GLY A 301 8.21 -17.87 -2.01
C GLY A 301 7.92 -17.10 -3.30
N GLY A 302 7.54 -15.82 -3.14
CA GLY A 302 7.22 -14.97 -4.28
C GLY A 302 8.30 -14.87 -5.36
N THR A 303 9.56 -14.99 -4.97
CA THR A 303 10.63 -14.82 -5.94
C THR A 303 10.97 -16.07 -6.81
N THR A 304 10.28 -17.18 -6.54
CA THR A 304 10.35 -18.36 -7.39
C THR A 304 9.18 -18.42 -8.37
N MET A 305 8.38 -17.36 -8.45
CA MET A 305 7.21 -17.38 -9.33
C MET A 305 7.57 -17.20 -10.80
N TYR A 306 8.82 -16.93 -11.12
CA TYR A 306 9.18 -16.72 -12.51
C TYR A 306 8.89 -17.89 -13.43
N PRO A 307 8.15 -17.62 -14.51
CA PRO A 307 7.99 -18.65 -15.52
C PRO A 307 9.37 -19.10 -15.93
N GLY A 308 9.55 -20.40 -16.14
CA GLY A 308 10.83 -20.94 -16.56
C GLY A 308 11.85 -21.29 -15.47
N ILE A 309 11.63 -20.84 -14.23
CA ILE A 309 12.69 -20.95 -13.21
C ILE A 309 13.01 -22.40 -12.84
N ALA A 310 11.98 -23.23 -12.77
CA ALA A 310 12.17 -24.63 -12.44
C ALA A 310 12.99 -25.34 -13.51
N ASP A 311 12.65 -25.13 -14.78
CA ASP A 311 13.40 -25.73 -15.89
C ASP A 311 14.88 -25.35 -15.85
N ARG A 312 15.14 -24.11 -15.43
CA ARG A 312 16.48 -23.57 -15.47
C ARG A 312 17.22 -24.21 -14.35
N MET A 313 16.54 -24.35 -13.22
CA MET A 313 17.17 -24.97 -12.08
C MET A 313 17.48 -26.40 -12.43
N GLN A 314 16.49 -27.10 -12.97
CA GLN A 314 16.68 -28.46 -13.43
C GLN A 314 17.99 -28.62 -14.20
N LYS A 315 18.13 -27.84 -15.27
CA LYS A 315 19.32 -27.87 -16.12
C LYS A 315 20.63 -27.53 -15.37
N GLU A 316 20.59 -26.46 -14.58
CA GLU A 316 21.74 -26.06 -13.79
C GLU A 316 22.22 -27.14 -12.81
N ILE A 317 21.30 -27.78 -12.10
CA ILE A 317 21.68 -28.83 -11.16
C ILE A 317 22.27 -30.07 -11.87
N THR A 318 21.64 -30.53 -12.93
CA THR A 318 22.17 -31.65 -13.72
C THR A 318 23.62 -31.40 -14.15
N ALA A 319 23.90 -30.20 -14.66
CA ALA A 319 25.27 -29.83 -15.04
C ALA A 319 26.26 -29.89 -13.88
N LEU A 320 25.77 -29.71 -12.65
CA LEU A 320 26.64 -29.71 -11.48
C LEU A 320 26.84 -31.10 -10.87
N ALA A 321 25.75 -31.86 -10.87
CA ALA A 321 25.66 -33.09 -10.11
C ALA A 321 26.29 -34.29 -10.84
N PRO A 322 26.50 -35.42 -10.12
CA PRO A 322 26.91 -36.67 -10.75
C PRO A 322 26.07 -37.01 -11.99
N SER A 323 26.73 -37.51 -13.03
CA SER A 323 26.11 -37.75 -14.33
C SER A 323 24.75 -38.41 -14.27
N THR A 324 24.53 -39.27 -13.30
CA THR A 324 23.38 -40.17 -13.35
C THR A 324 22.39 -39.96 -12.21
N MET A 325 22.56 -38.88 -11.47
CA MET A 325 21.70 -38.58 -10.35
C MET A 325 20.30 -38.23 -10.82
N LYS A 326 19.30 -38.88 -10.25
CA LYS A 326 17.92 -38.47 -10.47
C LYS A 326 17.68 -37.08 -9.87
N ILE A 327 17.24 -36.14 -10.70
CA ILE A 327 16.97 -34.79 -10.26
C ILE A 327 15.52 -34.37 -10.53
N LYS A 328 14.88 -33.75 -9.53
CA LYS A 328 13.49 -33.33 -9.69
C LYS A 328 13.24 -32.03 -8.96
N ILE A 329 12.77 -31.03 -9.71
CA ILE A 329 12.43 -29.75 -9.14
C ILE A 329 10.92 -29.74 -9.01
N ILE A 330 10.43 -29.39 -7.82
CA ILE A 330 9.01 -29.31 -7.59
C ILE A 330 8.66 -27.85 -7.37
N ALA A 331 7.92 -27.30 -8.32
CA ALA A 331 7.59 -25.91 -8.31
C ALA A 331 6.08 -25.78 -8.49
N PRO A 332 5.35 -25.98 -7.39
CA PRO A 332 3.89 -26.03 -7.36
C PRO A 332 3.30 -24.68 -7.71
N PRO A 333 2.17 -24.67 -8.41
CA PRO A 333 1.59 -23.38 -8.79
C PRO A 333 1.19 -22.45 -7.62
N GLU A 334 0.80 -22.99 -6.48
CA GLU A 334 0.42 -22.18 -5.34
C GLU A 334 1.64 -21.70 -4.51
N ARG A 335 2.84 -21.78 -5.08
CA ARG A 335 4.05 -21.73 -4.27
C ARG A 335 4.36 -20.37 -3.67
N LYS A 336 3.62 -19.36 -4.09
CA LYS A 336 3.78 -18.04 -3.48
C LYS A 336 3.42 -18.14 -1.99
N TYR A 337 2.49 -19.04 -1.68
CA TYR A 337 1.98 -19.22 -0.32
C TYR A 337 2.17 -20.64 0.25
N SER A 338 3.22 -21.36 -0.16
CA SER A 338 3.47 -22.71 0.34
C SER A 338 3.74 -22.74 1.84
N VAL A 339 4.41 -21.71 2.35
CA VAL A 339 4.76 -21.74 3.76
C VAL A 339 3.47 -21.71 4.55
N TRP A 340 2.63 -20.73 4.27
CA TRP A 340 1.31 -20.65 4.87
C TRP A 340 0.54 -21.98 4.70
N ILE A 341 0.51 -22.48 3.47
CA ILE A 341 -0.25 -23.67 3.21
C ILE A 341 0.21 -24.87 4.07
N GLY A 342 1.52 -25.09 4.17
CA GLY A 342 2.03 -26.18 4.99
C GLY A 342 1.72 -25.96 6.46
N GLY A 343 1.58 -24.69 6.84
CA GLY A 343 1.24 -24.36 8.22
C GLY A 343 -0.20 -24.77 8.47
N SER A 344 -1.07 -24.46 7.52
CA SER A 344 -2.46 -24.86 7.60
C SER A 344 -2.64 -26.36 7.63
N ILE A 345 -1.83 -27.08 6.86
CA ILE A 345 -1.87 -28.53 6.95
C ILE A 345 -1.46 -29.00 8.35
N LEU A 346 -0.25 -28.61 8.77
CA LEU A 346 0.36 -29.08 10.00
C LEU A 346 -0.55 -28.83 11.19
N ALA A 347 -1.11 -27.63 11.26
CA ALA A 347 -1.93 -27.22 12.42
C ALA A 347 -3.38 -27.75 12.43
N SER A 348 -3.82 -28.38 11.35
CA SER A 348 -5.15 -28.95 11.34
C SER A 348 -5.12 -30.47 11.35
N LEU A 349 -3.92 -31.06 11.31
CA LEU A 349 -3.78 -32.52 11.39
C LEU A 349 -4.10 -33.05 12.78
N SER A 350 -4.82 -34.18 12.84
CA SER A 350 -5.15 -34.84 14.13
C SER A 350 -3.91 -35.09 14.97
N THR A 351 -2.93 -35.69 14.33
CA THR A 351 -1.73 -36.17 15.01
C THR A 351 -0.83 -35.04 15.46
N PHE A 352 -1.26 -33.80 15.26
CA PHE A 352 -0.49 -32.64 15.69
C PHE A 352 -1.03 -32.05 16.98
N GLN A 353 -2.31 -32.32 17.26
CA GLN A 353 -3.03 -31.70 18.38
C GLN A 353 -2.39 -31.88 19.76
N GLN A 354 -1.36 -32.71 19.85
CA GLN A 354 -0.66 -32.91 21.10
C GLN A 354 0.60 -32.06 21.20
N MET A 355 1.02 -31.49 20.09
CA MET A 355 2.32 -30.84 20.04
C MET A 355 2.31 -29.36 20.31
N TRP A 356 1.12 -28.76 20.35
CA TRP A 356 0.99 -27.37 20.78
C TRP A 356 1.65 -27.19 22.15
N ILE A 357 2.29 -26.04 22.36
CA ILE A 357 2.65 -25.59 23.70
C ILE A 357 1.41 -24.94 24.26
N THR A 358 1.00 -25.37 25.45
CA THR A 358 -0.18 -24.80 26.07
C THR A 358 0.18 -23.65 27.04
N LYS A 359 -0.83 -22.83 27.34
CA LYS A 359 -0.73 -21.79 28.37
C LYS A 359 -0.29 -22.39 29.68
N GLN A 360 -0.87 -23.54 30.01
CA GLN A 360 -0.49 -24.31 31.20
C GLN A 360 1.01 -24.68 31.21
N GLU A 361 1.52 -25.20 30.10
CA GLU A 361 2.94 -25.56 30.00
C GLU A 361 3.83 -24.33 30.07
N TYR A 362 3.44 -23.26 29.38
CA TYR A 362 4.24 -22.05 29.40
C TYR A 362 4.29 -21.46 30.81
N ASP A 363 3.18 -21.54 31.54
CA ASP A 363 3.14 -20.99 32.91
C ASP A 363 4.12 -21.70 33.80
N GLU A 364 4.22 -23.02 33.67
CA GLU A 364 5.14 -23.81 34.47
C GLU A 364 6.60 -23.65 34.02
N ALA A 365 6.87 -23.91 32.75
CA ALA A 365 8.23 -23.98 32.24
C ALA A 365 8.80 -22.63 31.81
N GLY A 366 7.96 -21.75 31.29
CA GLY A 366 8.44 -20.45 30.83
C GLY A 366 8.68 -20.38 29.33
N PRO A 367 9.14 -19.23 28.82
CA PRO A 367 9.34 -19.08 27.38
C PRO A 367 10.38 -20.03 26.79
N SER A 368 11.35 -20.49 27.56
CA SER A 368 12.39 -21.39 27.02
C SER A 368 11.90 -22.82 26.80
N ILE A 369 10.61 -23.06 27.05
CA ILE A 369 10.02 -24.35 26.76
C ILE A 369 9.81 -24.52 25.25
N VAL A 370 9.96 -23.43 24.51
CA VAL A 370 9.74 -23.44 23.07
C VAL A 370 10.80 -24.24 22.28
N HIS A 371 11.94 -24.53 22.91
CA HIS A 371 12.97 -25.33 22.24
C HIS A 371 12.69 -26.85 22.25
N ARG A 372 12.39 -27.42 23.42
CA ARG A 372 12.02 -28.84 23.50
C ARG A 372 10.72 -29.14 22.75
N LYS A 373 9.68 -28.35 23.00
CA LYS A 373 8.35 -28.63 22.42
C LYS A 373 8.19 -28.29 20.94
N CYS A 374 9.05 -27.44 20.39
CA CYS A 374 9.07 -27.20 18.95
C CYS A 374 10.32 -27.81 18.32
N PHE A 375 10.52 -29.10 18.65
CA PHE A 375 11.72 -29.86 18.32
C PHE A 375 12.55 -29.31 17.15
N LEU B 1 -10.23 35.83 9.49
CA LEU B 1 -10.13 34.45 8.93
C LEU B 1 -10.07 34.51 7.41
N LYS B 2 -8.91 34.17 6.86
CA LYS B 2 -8.75 34.11 5.41
C LYS B 2 -8.96 32.69 4.91
N ILE B 3 -9.89 32.54 3.97
CA ILE B 3 -10.26 31.22 3.46
C ILE B 3 -10.04 31.21 1.94
N ALA B 4 -9.60 30.08 1.37
CA ALA B 4 -9.29 30.01 -0.07
C ALA B 4 -9.56 28.63 -0.70
N ALA B 5 -9.70 28.59 -2.02
CA ALA B 5 -9.92 27.36 -2.78
C ALA B 5 -9.00 27.47 -3.99
N PHE B 6 -8.27 26.41 -4.31
CA PHE B 6 -7.14 26.52 -5.25
C PHE B 6 -6.95 25.22 -6.00
N ASN B 7 -7.24 25.25 -7.27
CA ASN B 7 -7.01 24.08 -8.11
C ASN B 7 -5.55 24.15 -8.52
N ILE B 8 -4.73 23.22 -8.01
CA ILE B 8 -3.33 23.20 -8.39
C ILE B 8 -3.12 22.13 -9.42
N ARG B 9 -2.97 22.52 -10.69
CA ARG B 9 -2.88 21.53 -11.76
C ARG B 9 -2.02 20.34 -11.37
N THR B 10 -2.64 19.16 -11.40
CA THR B 10 -1.97 17.91 -11.07
C THR B 10 -0.98 18.07 -9.94
N PHE B 11 -1.44 18.58 -8.81
CA PHE B 11 -0.60 18.64 -7.65
C PHE B 11 -0.18 17.20 -7.30
N GLY B 12 1.12 16.93 -7.29
CA GLY B 12 1.62 15.56 -7.15
C GLY B 12 3.11 15.51 -6.83
N GLU B 13 3.69 14.31 -6.78
CA GLU B 13 5.08 14.17 -6.36
C GLU B 13 6.05 15.00 -7.22
N THR B 14 5.90 14.90 -8.54
CA THR B 14 6.76 15.64 -9.44
C THR B 14 6.78 17.14 -9.13
N LYS B 15 5.61 17.73 -8.90
CA LYS B 15 5.49 19.15 -8.65
C LYS B 15 6.16 19.53 -7.33
N MET B 16 5.79 18.86 -6.25
CA MET B 16 6.34 19.17 -4.94
C MET B 16 7.81 18.76 -4.76
N SER B 17 8.41 18.13 -5.77
CA SER B 17 9.81 17.76 -5.68
C SER B 17 10.67 18.87 -6.21
N ASN B 18 10.00 19.80 -6.88
CA ASN B 18 10.63 20.91 -7.53
C ASN B 18 10.68 22.00 -6.50
N ALA B 19 11.86 22.28 -5.98
CA ALA B 19 12.03 23.26 -4.90
C ALA B 19 11.38 24.64 -5.15
N THR B 20 11.59 25.19 -6.34
CA THR B 20 11.02 26.47 -6.70
C THR B 20 9.49 26.47 -6.60
N LEU B 21 8.83 25.50 -7.26
CA LEU B 21 7.37 25.46 -7.33
C LEU B 21 6.76 25.13 -5.99
N ALA B 22 7.44 24.26 -5.25
CA ALA B 22 7.04 23.96 -3.89
C ALA B 22 7.07 25.29 -3.16
N SER B 23 8.13 26.05 -3.43
CA SER B 23 8.35 27.27 -2.70
C SER B 23 7.14 28.20 -2.81
N TYR B 24 6.65 28.32 -4.03
CA TYR B 24 5.56 29.23 -4.32
C TYR B 24 4.26 28.67 -3.78
N ILE B 25 4.13 27.35 -3.78
CA ILE B 25 2.89 26.76 -3.32
C ILE B 25 2.78 26.99 -1.81
N VAL B 26 3.91 26.90 -1.13
CA VAL B 26 3.97 27.05 0.30
C VAL B 26 3.60 28.47 0.67
N ARG B 27 4.29 29.42 0.04
CA ARG B 27 4.02 30.83 0.25
C ARG B 27 2.54 31.13 0.05
N ILE B 28 1.95 30.57 -1.01
CA ILE B 28 0.53 30.77 -1.26
C ILE B 28 -0.38 30.19 -0.18
N VAL B 29 -0.19 28.92 0.13
CA VAL B 29 -0.90 28.31 1.26
C VAL B 29 -0.73 29.13 2.53
N ARG B 30 0.47 29.68 2.75
CA ARG B 30 0.72 30.36 4.02
C ARG B 30 -0.17 31.58 4.21
N ARG B 31 -0.82 32.02 3.15
CA ARG B 31 -1.67 33.18 3.22
C ARG B 31 -2.94 32.90 4.03
N TYR B 32 -3.27 31.61 4.19
CA TYR B 32 -4.63 31.26 4.62
C TYR B 32 -4.75 30.49 5.89
N ASP B 33 -5.83 30.77 6.62
CA ASP B 33 -6.18 30.04 7.81
C ASP B 33 -6.88 28.73 7.43
N ILE B 34 -7.60 28.73 6.31
CA ILE B 34 -8.15 27.49 5.78
C ILE B 34 -7.97 27.54 4.29
N VAL B 35 -7.46 26.46 3.70
CA VAL B 35 -7.32 26.42 2.25
C VAL B 35 -7.69 25.05 1.68
N LEU B 36 -8.49 25.09 0.61
CA LEU B 36 -8.91 23.89 -0.10
C LEU B 36 -8.04 23.70 -1.33
N ILE B 37 -7.27 22.62 -1.35
CA ILE B 37 -6.50 22.30 -2.55
C ILE B 37 -7.14 21.20 -3.37
N GLN B 38 -7.26 21.42 -4.68
CA GLN B 38 -7.95 20.47 -5.53
C GLN B 38 -6.99 19.91 -6.57
N GLU B 39 -7.46 18.90 -7.31
CA GLU B 39 -6.69 18.24 -8.36
C GLU B 39 -5.40 17.60 -7.78
N VAL B 40 -5.53 17.03 -6.59
CA VAL B 40 -4.45 16.32 -5.94
C VAL B 40 -4.32 14.96 -6.59
N ARG B 41 -3.28 14.78 -7.40
CA ARG B 41 -3.01 13.51 -8.03
C ARG B 41 -1.80 12.90 -7.34
N ASP B 42 -2.08 12.24 -6.23
CA ASP B 42 -1.05 11.85 -5.30
C ASP B 42 -1.44 10.48 -4.73
N SER B 43 -1.12 9.45 -5.50
CA SER B 43 -1.60 8.13 -5.22
C SER B 43 -1.28 7.58 -3.81
N HIS B 44 -0.10 7.91 -3.27
CA HIS B 44 0.28 7.40 -1.94
C HIS B 44 0.45 8.54 -0.92
N LEU B 45 -0.10 9.71 -1.24
CA LEU B 45 -0.08 10.85 -0.33
C LEU B 45 1.33 11.41 -0.04
N VAL B 46 2.27 11.16 -0.95
CA VAL B 46 3.63 11.66 -0.77
C VAL B 46 3.72 13.18 -0.93
N ALA B 47 3.09 13.71 -1.96
CA ALA B 47 3.08 15.16 -2.16
C ALA B 47 2.37 15.88 -1.01
N VAL B 48 1.21 15.39 -0.57
CA VAL B 48 0.55 15.97 0.61
C VAL B 48 1.51 16.00 1.80
N GLY B 49 2.25 14.91 1.98
CA GLY B 49 3.25 14.80 3.02
C GLY B 49 4.38 15.82 2.92
N LYS B 50 4.88 16.06 1.71
CA LYS B 50 5.98 17.02 1.54
C LYS B 50 5.53 18.41 1.93
N LEU B 51 4.41 18.82 1.36
CA LEU B 51 3.86 20.13 1.61
C LEU B 51 3.73 20.31 3.12
N LEU B 52 3.09 19.34 3.79
CA LEU B 52 2.94 19.44 5.24
C LEU B 52 4.29 19.49 5.95
N ASP B 53 5.26 18.70 5.46
CA ASP B 53 6.63 18.77 5.95
C ASP B 53 7.16 20.23 5.92
N TYR B 54 6.87 20.96 4.85
CA TYR B 54 7.30 22.35 4.73
C TYR B 54 6.48 23.25 5.62
N LEU B 55 5.17 23.10 5.59
CA LEU B 55 4.27 23.95 6.39
C LEU B 55 4.54 23.85 7.88
N ASN B 56 5.07 22.72 8.32
CA ASN B 56 5.26 22.48 9.73
C ASN B 56 6.72 22.32 10.18
N GLN B 57 7.66 22.57 9.28
CA GLN B 57 9.08 22.40 9.65
C GLN B 57 9.54 23.20 10.90
N ASP B 58 8.82 24.26 11.27
CA ASP B 58 9.13 24.94 12.53
C ASP B 58 8.17 24.52 13.65
N ASP B 59 6.93 24.98 13.54
CA ASP B 59 5.93 24.56 14.47
C ASP B 59 5.18 23.37 13.88
N PRO B 60 5.25 22.20 14.54
CA PRO B 60 4.57 21.00 14.03
C PRO B 60 3.06 21.14 13.98
N ASN B 61 2.48 22.14 14.65
CA ASN B 61 1.05 22.37 14.54
C ASN B 61 0.64 23.65 13.85
N THR B 62 1.46 24.10 12.90
CA THR B 62 1.11 25.25 12.11
C THR B 62 -0.13 24.92 11.30
N TYR B 63 -0.07 23.81 10.56
CA TYR B 63 -1.22 23.37 9.78
C TYR B 63 -1.62 21.94 10.10
N HIS B 64 -2.93 21.71 10.20
CA HIS B 64 -3.48 20.36 10.30
C HIS B 64 -4.15 20.06 8.95
N TYR B 65 -4.67 18.84 8.76
CA TYR B 65 -5.22 18.45 7.45
C TYR B 65 -6.53 17.67 7.49
N VAL B 66 -7.31 17.80 6.41
CA VAL B 66 -8.39 16.84 6.15
C VAL B 66 -8.20 16.40 4.73
N VAL B 67 -8.08 15.09 4.48
CA VAL B 67 -7.85 14.61 3.13
C VAL B 67 -8.80 13.50 2.77
N SER B 68 -9.25 13.46 1.52
CA SER B 68 -10.15 12.41 1.04
C SER B 68 -9.35 11.32 0.37
N GLU B 69 -10.01 10.19 0.15
CA GLU B 69 -9.47 9.14 -0.72
C GLU B 69 -9.42 9.67 -2.14
N PRO B 70 -8.74 8.96 -3.06
CA PRO B 70 -8.83 9.24 -4.50
C PRO B 70 -10.28 9.09 -5.02
N LEU B 71 -10.73 10.05 -5.83
CA LEU B 71 -12.13 10.20 -6.16
C LEU B 71 -12.24 10.51 -7.63
N GLY B 72 -13.27 9.97 -8.28
CA GLY B 72 -13.44 10.19 -9.71
C GLY B 72 -14.34 9.13 -10.32
N ARG B 73 -15.14 9.52 -11.31
CA ARG B 73 -16.14 8.61 -11.85
C ARG B 73 -15.49 7.41 -12.47
N ASN B 74 -14.37 7.62 -13.12
CA ASN B 74 -13.65 6.54 -13.75
CA ASN B 74 -13.65 6.52 -13.73
C ASN B 74 -12.29 6.30 -13.10
N SER B 75 -11.34 5.88 -13.92
CA SER B 75 -10.01 5.55 -13.45
C SER B 75 -9.16 6.80 -13.22
N TYR B 76 -9.54 7.93 -13.79
CA TYR B 76 -8.85 9.15 -13.47
C TYR B 76 -9.34 9.65 -12.10
N LYS B 77 -8.43 9.82 -11.12
CA LYS B 77 -8.84 10.16 -9.75
C LYS B 77 -8.10 11.33 -9.06
N GLU B 78 -8.80 12.04 -8.18
CA GLU B 78 -8.23 13.17 -7.45
C GLU B 78 -8.64 13.11 -5.99
N ARG B 79 -7.88 13.80 -5.15
CA ARG B 79 -8.27 14.02 -3.77
C ARG B 79 -8.64 15.49 -3.51
N TYR B 80 -9.48 15.71 -2.50
CA TYR B 80 -9.67 17.03 -1.93
C TYR B 80 -8.78 17.13 -0.72
N LEU B 81 -8.13 18.27 -0.54
CA LEU B 81 -7.32 18.47 0.64
C LEU B 81 -7.64 19.82 1.29
N PHE B 82 -7.99 19.77 2.57
CA PHE B 82 -8.20 20.94 3.41
C PHE B 82 -6.97 21.08 4.30
N LEU B 83 -6.36 22.26 4.29
CA LEU B 83 -5.30 22.60 5.23
C LEU B 83 -5.81 23.73 6.15
N PHE B 84 -5.53 23.65 7.44
CA PHE B 84 -6.06 24.67 8.34
C PHE B 84 -5.19 24.84 9.56
N ARG B 85 -5.17 26.07 10.09
CA ARG B 85 -4.39 26.39 11.25
C ARG B 85 -5.21 26.10 12.51
N PRO B 86 -4.80 25.08 13.29
CA PRO B 86 -5.55 24.64 14.46
C PRO B 86 -5.66 25.74 15.50
N ASN B 87 -4.75 26.72 15.45
CA ASN B 87 -4.84 27.85 16.37
C ASN B 87 -5.95 28.85 15.99
N LYS B 88 -6.36 28.82 14.72
CA LYS B 88 -7.37 29.76 14.23
C LYS B 88 -8.75 29.11 14.07
N VAL B 89 -8.80 27.82 13.76
CA VAL B 89 -10.09 27.10 13.80
C VAL B 89 -9.96 25.66 14.23
N SER B 90 -11.09 24.98 14.34
CA SER B 90 -11.10 23.55 14.71
C SER B 90 -12.08 22.77 13.87
N VAL B 91 -11.73 21.53 13.56
CA VAL B 91 -12.58 20.65 12.78
C VAL B 91 -13.49 19.84 13.70
N LEU B 92 -14.80 20.05 13.60
CA LEU B 92 -15.74 19.36 14.49
C LEU B 92 -16.17 18.01 13.94
N ASP B 93 -16.29 17.91 12.63
CA ASP B 93 -16.80 16.70 12.00
C ASP B 93 -16.53 16.85 10.49
N THR B 94 -16.54 15.74 9.76
CA THR B 94 -16.34 15.77 8.32
C THR B 94 -17.04 14.56 7.72
N TYR B 95 -17.50 14.65 6.49
CA TYR B 95 -17.95 13.47 5.81
C TYR B 95 -17.90 13.67 4.30
N GLN B 96 -18.18 12.59 3.60
CA GLN B 96 -18.20 12.64 2.18
C GLN B 96 -19.62 12.51 1.67
N TYR B 97 -20.03 13.40 0.78
CA TYR B 97 -21.40 13.32 0.28
C TYR B 97 -21.64 11.96 -0.40
N ASP B 98 -22.72 11.27 -0.02
CA ASP B 98 -22.93 9.94 -0.55
C ASP B 98 -24.33 9.69 -1.05
N ASP B 99 -25.22 10.68 -0.88
CA ASP B 99 -26.58 10.58 -1.42
C ASP B 99 -27.39 9.43 -0.78
N GLY B 100 -26.98 8.99 0.40
CA GLY B 100 -27.65 7.90 1.11
C GLY B 100 -27.51 6.58 0.40
N CYS B 101 -26.31 6.01 0.46
CA CYS B 101 -25.96 4.79 -0.27
C CYS B 101 -24.54 4.90 -0.84
N GLU B 102 -23.81 3.78 -0.82
CA GLU B 102 -22.37 3.74 -1.07
C GLU B 102 -21.83 4.42 -2.33
N SER B 103 -22.17 3.88 -3.50
CA SER B 103 -21.67 4.43 -4.74
C SER B 103 -22.54 5.61 -5.25
N CYS B 104 -23.55 5.96 -4.46
CA CYS B 104 -24.60 6.91 -4.87
C CYS B 104 -24.15 8.36 -4.99
N GLY B 105 -23.03 8.69 -4.36
CA GLY B 105 -22.45 10.03 -4.49
C GLY B 105 -21.98 10.23 -5.92
N ASN B 106 -21.56 9.14 -6.59
CA ASN B 106 -21.09 9.18 -7.98
C ASN B 106 -22.20 9.40 -9.01
N ASP B 107 -23.44 9.28 -8.55
CA ASP B 107 -24.63 9.56 -9.37
C ASP B 107 -24.76 11.03 -9.76
N SER B 108 -24.33 11.94 -8.90
CA SER B 108 -24.39 13.36 -9.26
C SER B 108 -23.01 13.93 -9.59
N PHE B 109 -21.98 13.38 -8.95
CA PHE B 109 -20.70 14.03 -8.94
C PHE B 109 -19.64 13.07 -9.41
N SER B 110 -18.66 13.56 -10.15
CA SER B 110 -17.56 12.72 -10.52
C SER B 110 -16.65 12.58 -9.30
N ARG B 111 -16.61 13.64 -8.49
CA ARG B 111 -15.81 13.67 -7.32
C ARG B 111 -16.69 14.11 -6.16
N GLU B 112 -17.25 13.13 -5.45
CA GLU B 112 -18.21 13.39 -4.38
C GLU B 112 -17.61 14.34 -3.37
N PRO B 113 -18.26 15.49 -3.19
CA PRO B 113 -17.90 16.59 -2.30
C PRO B 113 -17.51 16.14 -0.90
N ALA B 114 -16.38 16.67 -0.43
CA ALA B 114 -15.99 16.57 0.96
C ALA B 114 -16.57 17.76 1.73
N VAL B 115 -17.08 17.50 2.94
CA VAL B 115 -17.80 18.51 3.71
C VAL B 115 -17.14 18.65 5.08
N VAL B 116 -16.70 19.87 5.42
CA VAL B 116 -16.05 20.03 6.72
C VAL B 116 -16.79 20.99 7.62
N LYS B 117 -17.06 20.57 8.85
CA LYS B 117 -17.64 21.45 9.83
C LYS B 117 -16.54 22.05 10.69
N PHE B 118 -16.46 23.37 10.72
CA PHE B 118 -15.45 24.08 11.46
C PHE B 118 -16.03 24.81 12.66
N SER B 119 -15.19 25.01 13.66
CA SER B 119 -15.51 25.92 14.74
C SER B 119 -14.58 27.10 14.65
N SER B 120 -15.13 28.28 14.86
CA SER B 120 -14.41 29.50 14.65
C SER B 120 -14.78 30.46 15.77
N HIS B 121 -13.81 30.89 16.54
CA HIS B 121 -14.10 31.68 17.73
C HIS B 121 -13.94 33.18 17.44
N SER B 122 -13.15 33.51 16.44
CA SER B 122 -12.79 34.90 16.21
C SER B 122 -13.70 35.61 15.19
N THR B 123 -14.81 34.97 14.82
CA THR B 123 -15.69 35.52 13.80
C THR B 123 -17.15 35.53 14.29
N LYS B 124 -18.03 36.25 13.61
CA LYS B 124 -19.44 36.24 14.00
C LYS B 124 -20.05 34.84 13.92
N VAL B 125 -19.89 34.17 12.77
CA VAL B 125 -20.24 32.76 12.68
C VAL B 125 -19.32 32.02 13.60
N LYS B 126 -19.90 31.17 14.45
CA LYS B 126 -19.10 30.35 15.38
C LYS B 126 -18.90 28.95 14.79
N GLU B 127 -19.86 28.52 13.99
CA GLU B 127 -19.76 27.23 13.32
C GLU B 127 -20.24 27.38 11.90
N PHE B 128 -19.48 26.80 10.98
CA PHE B 128 -19.91 26.71 9.60
C PHE B 128 -19.33 25.47 8.95
N ALA B 129 -19.88 25.09 7.81
CA ALA B 129 -19.33 24.01 7.00
C ALA B 129 -18.73 24.59 5.72
N ILE B 130 -17.81 23.85 5.14
CA ILE B 130 -17.32 24.14 3.80
C ILE B 130 -17.52 22.88 2.99
N VAL B 131 -18.19 23.01 1.85
CA VAL B 131 -18.37 21.91 0.91
C VAL B 131 -17.39 22.14 -0.25
N ALA B 132 -16.56 21.14 -0.54
CA ALA B 132 -15.59 21.26 -1.62
C ALA B 132 -16.18 20.64 -2.87
N LEU B 133 -15.95 21.27 -4.02
CA LEU B 133 -16.31 20.63 -5.29
C LEU B 133 -15.40 21.06 -6.44
N HIS B 134 -14.77 20.09 -7.08
CA HIS B 134 -14.18 20.31 -8.39
C HIS B 134 -15.03 19.52 -9.40
N SER B 135 -15.80 20.25 -10.19
CA SER B 135 -16.78 19.65 -11.05
C SER B 135 -16.13 19.11 -12.30
N ALA B 136 -16.85 18.22 -12.98
CA ALA B 136 -16.43 17.72 -14.28
C ALA B 136 -16.90 18.71 -15.33
N PRO B 137 -15.95 19.32 -16.04
CA PRO B 137 -16.26 20.41 -16.98
C PRO B 137 -17.48 20.12 -17.85
N SER B 138 -17.62 18.89 -18.31
CA SER B 138 -18.70 18.57 -19.22
C SER B 138 -20.05 18.34 -18.51
N ASP B 139 -20.06 18.33 -17.20
CA ASP B 139 -21.30 18.11 -16.50
C ASP B 139 -21.43 19.17 -15.45
N ALA B 140 -20.84 20.34 -15.71
CA ALA B 140 -20.74 21.38 -14.68
C ALA B 140 -22.11 21.92 -14.28
N VAL B 141 -22.96 22.19 -15.26
CA VAL B 141 -24.29 22.68 -14.95
C VAL B 141 -25.05 21.74 -14.00
N ALA B 142 -25.05 20.45 -14.29
CA ALA B 142 -25.76 19.53 -13.38
C ALA B 142 -25.07 19.45 -12.02
N GLU B 143 -23.74 19.44 -12.00
CA GLU B 143 -23.01 19.30 -10.74
C GLU B 143 -23.16 20.52 -9.82
N ILE B 144 -23.01 21.72 -10.37
CA ILE B 144 -23.31 22.90 -9.59
C ILE B 144 -24.77 22.90 -9.13
N ASN B 145 -25.68 22.46 -9.99
CA ASN B 145 -27.09 22.41 -9.61
C ASN B 145 -27.32 21.37 -8.52
N SER B 146 -26.58 20.27 -8.59
CA SER B 146 -26.65 19.22 -7.57
C SER B 146 -26.15 19.69 -6.21
N LEU B 147 -25.30 20.72 -6.21
CA LEU B 147 -24.77 21.28 -4.97
C LEU B 147 -25.91 21.74 -4.05
N TYR B 148 -27.02 22.17 -4.66
CA TYR B 148 -28.19 22.55 -3.91
C TYR B 148 -28.63 21.38 -3.04
N ASP B 149 -28.57 20.18 -3.59
CA ASP B 149 -28.96 19.00 -2.82
C ASP B 149 -27.95 18.68 -1.68
N VAL B 150 -26.66 18.88 -1.96
CA VAL B 150 -25.64 18.71 -0.93
C VAL B 150 -25.94 19.64 0.25
N TYR B 151 -26.42 20.85 -0.04
CA TYR B 151 -26.69 21.82 0.99
C TYR B 151 -27.81 21.33 1.87
N LEU B 152 -28.83 20.74 1.25
CA LEU B 152 -29.96 20.20 1.97
C LEU B 152 -29.45 19.08 2.90
N ASP B 153 -28.59 18.24 2.35
CA ASP B 153 -27.99 17.14 3.10
C ASP B 153 -27.26 17.64 4.35
N VAL B 154 -26.42 18.65 4.18
CA VAL B 154 -25.71 19.27 5.31
C VAL B 154 -26.66 19.82 6.35
N GLN B 155 -27.66 20.54 5.88
CA GLN B 155 -28.66 21.14 6.74
C GLN B 155 -29.32 20.07 7.62
N GLN B 156 -29.68 18.96 6.98
CA GLN B 156 -30.32 17.84 7.63
C GLN B 156 -29.40 17.10 8.63
N LYS B 157 -28.15 16.86 8.24
N LYS B 157 -28.16 16.85 8.24
CA LYS B 157 -27.20 16.14 9.11
CA LYS B 157 -27.20 16.16 9.12
C LYS B 157 -26.64 16.98 10.25
C LYS B 157 -26.72 17.01 10.28
N TRP B 158 -26.39 18.27 10.00
CA TRP B 158 -25.79 19.15 11.02
C TRP B 158 -26.66 20.27 11.52
N HIS B 159 -27.91 20.32 11.07
CA HIS B 159 -28.88 21.29 11.57
C HIS B 159 -28.22 22.65 11.58
N LEU B 160 -27.75 23.06 10.40
CA LEU B 160 -26.84 24.18 10.30
C LEU B 160 -27.07 24.87 8.96
N ASN B 161 -27.27 26.18 9.00
CA ASN B 161 -27.55 26.93 7.76
C ASN B 161 -26.35 27.66 7.16
N ASP B 162 -25.31 27.85 7.96
CA ASP B 162 -24.07 28.52 7.54
C ASP B 162 -23.10 27.62 6.80
N VAL B 163 -23.13 27.70 5.48
CA VAL B 163 -22.44 26.77 4.60
C VAL B 163 -21.73 27.51 3.47
N MET B 164 -20.44 27.21 3.30
CA MET B 164 -19.67 27.81 2.24
C MET B 164 -19.43 26.72 1.22
N LEU B 165 -19.84 26.94 -0.02
CA LEU B 165 -19.56 25.98 -1.09
C LEU B 165 -18.51 26.60 -2.00
N MET B 166 -17.44 25.86 -2.29
CA MET B 166 -16.34 26.46 -3.04
C MET B 166 -15.48 25.47 -3.82
N GLY B 167 -14.67 25.98 -4.75
CA GLY B 167 -13.77 25.15 -5.55
C GLY B 167 -13.92 25.43 -7.03
N ASP B 168 -13.21 24.67 -7.86
CA ASP B 168 -13.22 24.86 -9.31
C ASP B 168 -14.52 24.31 -9.83
N PHE B 169 -15.52 25.17 -9.90
CA PHE B 169 -16.85 24.80 -10.33
C PHE B 169 -16.91 24.69 -11.85
N ASN B 170 -15.87 25.10 -12.56
CA ASN B 170 -15.91 25.19 -14.03
C ASN B 170 -17.09 26.06 -14.50
N ALA B 171 -17.41 27.09 -13.71
CA ALA B 171 -18.68 27.80 -13.82
C ALA B 171 -18.66 29.01 -14.76
N ASP B 172 -18.44 28.75 -16.05
CA ASP B 172 -18.31 29.86 -17.02
C ASP B 172 -17.95 29.38 -18.43
N CYS B 173 -17.77 30.33 -19.34
CA CYS B 173 -17.27 30.10 -20.69
C CYS B 173 -18.10 29.03 -21.45
N SER B 174 -17.47 28.01 -22.02
CA SER B 174 -18.25 27.03 -22.76
C SER B 174 -18.90 25.99 -21.86
N TYR B 175 -18.55 25.97 -20.59
CA TYR B 175 -19.14 24.94 -19.73
C TYR B 175 -20.39 25.38 -18.98
N VAL B 176 -20.50 26.67 -18.67
CA VAL B 176 -21.76 27.24 -18.18
C VAL B 176 -22.02 28.54 -18.93
N THR B 177 -23.01 28.52 -19.82
CA THR B 177 -23.28 29.69 -20.64
C THR B 177 -24.30 30.52 -19.88
N SER B 178 -24.41 31.80 -20.19
CA SER B 178 -25.23 32.64 -19.35
C SER B 178 -26.69 32.18 -19.32
N SER B 179 -27.18 31.49 -20.35
CA SER B 179 -28.61 31.19 -20.37
C SER B 179 -28.94 30.05 -19.42
N GLN B 180 -27.87 29.35 -19.00
CA GLN B 180 -27.94 28.13 -18.15
C GLN B 180 -27.94 28.44 -16.67
N TRP B 181 -27.58 29.65 -16.31
CA TRP B 181 -27.68 30.08 -14.92
C TRP B 181 -29.11 29.97 -14.36
N SER B 182 -30.11 30.21 -15.19
CA SER B 182 -31.46 30.12 -14.67
C SER B 182 -31.83 28.68 -14.28
N SER B 183 -30.98 27.70 -14.62
CA SER B 183 -31.31 26.30 -14.30
C SER B 183 -30.49 25.71 -13.16
N ILE B 184 -29.62 26.52 -12.57
CA ILE B 184 -28.84 26.08 -11.43
C ILE B 184 -29.50 26.62 -10.15
N ARG B 185 -30.09 25.73 -9.37
CA ARG B 185 -30.83 26.16 -8.18
C ARG B 185 -29.91 26.93 -7.23
N LEU B 186 -28.65 26.50 -7.16
CA LEU B 186 -27.62 27.22 -6.38
C LEU B 186 -27.50 28.71 -6.76
N ARG B 187 -27.85 29.07 -7.99
CA ARG B 187 -27.81 30.48 -8.33
C ARG B 187 -29.15 31.16 -8.21
N THR B 188 -30.25 30.44 -8.42
CA THR B 188 -31.56 31.11 -8.50
C THR B 188 -32.28 31.28 -7.17
N SER B 189 -31.91 30.43 -6.21
CA SER B 189 -32.44 30.52 -4.87
C SER B 189 -31.77 31.65 -4.09
N SER B 190 -32.60 32.43 -3.39
CA SER B 190 -32.11 33.58 -2.67
C SER B 190 -31.29 33.20 -1.42
N THR B 191 -31.33 31.93 -1.07
CA THR B 191 -30.57 31.43 0.06
C THR B 191 -29.06 31.62 -0.16
N PHE B 192 -28.64 31.72 -1.42
CA PHE B 192 -27.21 31.72 -1.71
C PHE B 192 -26.71 33.02 -2.25
N GLN B 193 -25.53 33.42 -1.82
CA GLN B 193 -24.95 34.67 -2.25
C GLN B 193 -23.62 34.38 -2.94
N TRP B 194 -23.44 34.86 -4.18
CA TRP B 194 -22.26 34.46 -4.96
C TRP B 194 -21.13 35.47 -4.88
N LEU B 195 -20.03 35.11 -4.21
CA LEU B 195 -18.98 36.09 -3.93
C LEU B 195 -18.00 36.37 -5.06
N ILE B 196 -17.60 35.35 -5.80
CA ILE B 196 -16.80 35.59 -7.00
C ILE B 196 -17.79 35.80 -8.14
N PRO B 197 -17.80 37.00 -8.75
CA PRO B 197 -18.80 37.27 -9.80
C PRO B 197 -18.45 36.64 -11.15
N ASP B 198 -19.40 36.64 -12.08
CA ASP B 198 -19.18 36.11 -13.42
C ASP B 198 -18.06 36.80 -14.21
N SER B 199 -17.74 38.01 -13.79
CA SER B 199 -16.78 38.81 -14.51
C SER B 199 -15.32 38.44 -14.11
N ALA B 200 -15.17 37.84 -12.93
CA ALA B 200 -13.83 37.48 -12.45
C ALA B 200 -13.08 36.55 -13.40
N ASP B 201 -11.79 36.83 -13.62
CA ASP B 201 -10.89 35.88 -14.28
C ASP B 201 -10.19 35.02 -13.23
N THR B 202 -10.53 33.74 -13.16
CA THR B 202 -9.84 32.88 -12.21
C THR B 202 -8.87 31.87 -12.86
N THR B 203 -8.59 32.04 -14.14
CA THR B 203 -7.61 31.16 -14.80
C THR B 203 -6.27 31.86 -14.96
N ALA B 204 -5.20 31.10 -14.77
CA ALA B 204 -3.86 31.62 -15.03
C ALA B 204 -3.53 31.57 -16.52
N THR B 205 -4.47 31.11 -17.33
CA THR B 205 -4.25 30.94 -18.76
C THR B 205 -4.89 32.09 -19.51
N SER B 206 -4.65 32.12 -20.81
CA SER B 206 -5.30 32.99 -21.77
C SER B 206 -6.80 33.20 -21.67
N THR B 207 -7.53 32.27 -21.04
CA THR B 207 -8.97 32.38 -21.02
C THR B 207 -9.42 33.38 -19.98
N ASN B 208 -10.56 34.02 -20.23
CA ASN B 208 -11.21 34.89 -19.23
C ASN B 208 -12.42 34.19 -18.61
N CYS B 209 -12.17 33.36 -17.60
CA CYS B 209 -13.25 32.55 -17.04
C CYS B 209 -13.34 32.62 -15.53
N ALA B 210 -14.54 32.93 -15.02
CA ALA B 210 -14.86 32.74 -13.61
C ALA B 210 -15.15 31.25 -13.30
N TYR B 211 -14.13 30.41 -13.41
CA TYR B 211 -14.28 28.96 -13.20
C TYR B 211 -14.41 28.61 -11.73
N ASP B 212 -13.60 29.26 -10.90
CA ASP B 212 -13.56 28.95 -9.47
C ASP B 212 -14.48 29.89 -8.69
N ARG B 213 -15.20 29.36 -7.72
CA ARG B 213 -16.21 30.15 -7.03
C ARG B 213 -16.21 29.96 -5.51
N ILE B 214 -16.90 30.89 -4.86
CA ILE B 214 -17.20 30.82 -3.45
C ILE B 214 -18.64 31.28 -3.28
N VAL B 215 -19.47 30.39 -2.78
CA VAL B 215 -20.85 30.70 -2.53
C VAL B 215 -21.05 30.54 -1.05
N VAL B 216 -21.81 31.46 -0.45
CA VAL B 216 -22.15 31.34 0.97
C VAL B 216 -23.64 31.37 1.22
N ALA B 217 -24.08 30.50 2.13
CA ALA B 217 -25.44 30.48 2.62
C ALA B 217 -25.46 30.69 4.14
N GLY B 218 -26.59 31.26 4.62
CA GLY B 218 -26.82 31.54 6.04
C GLY B 218 -26.52 32.99 6.39
N SER B 219 -27.50 33.67 7.02
CA SER B 219 -27.36 35.10 7.35
C SER B 219 -26.10 35.40 8.15
N LEU B 220 -25.85 34.55 9.14
CA LEU B 220 -24.76 34.77 10.08
C LEU B 220 -23.44 34.83 9.32
N LEU B 221 -23.15 33.75 8.59
CA LEU B 221 -21.95 33.62 7.75
C LEU B 221 -21.83 34.75 6.75
N GLN B 222 -22.91 34.92 5.99
CA GLN B 222 -23.00 36.03 5.05
C GLN B 222 -22.60 37.31 5.73
N SER B 223 -23.14 37.55 6.92
CA SER B 223 -22.95 38.83 7.58
C SER B 223 -21.58 38.89 8.22
N SER B 224 -20.75 37.90 7.92
CA SER B 224 -19.44 37.80 8.53
C SER B 224 -18.37 38.05 7.48
N VAL B 225 -18.80 37.93 6.21
CA VAL B 225 -17.94 38.21 5.06
C VAL B 225 -17.47 39.67 5.05
N VAL B 226 -16.16 39.88 4.90
CA VAL B 226 -15.64 41.23 4.78
C VAL B 226 -15.96 41.77 3.39
N PRO B 227 -16.76 42.85 3.32
CA PRO B 227 -17.19 43.37 2.01
C PRO B 227 -16.00 43.68 1.07
N GLY B 228 -16.09 43.22 -0.18
CA GLY B 228 -15.04 43.45 -1.18
C GLY B 228 -13.80 42.56 -1.05
N SER B 229 -13.79 41.64 -0.08
CA SER B 229 -12.60 40.82 0.15
C SER B 229 -12.53 39.59 -0.77
N ALA B 230 -13.59 39.32 -1.52
CA ALA B 230 -13.58 38.11 -2.34
C ALA B 230 -13.09 38.44 -3.73
N ALA B 231 -12.01 37.76 -4.10
CA ALA B 231 -11.34 38.02 -5.37
C ALA B 231 -10.51 36.79 -5.70
N PRO B 232 -10.25 36.57 -6.99
CA PRO B 232 -9.19 35.64 -7.33
C PRO B 232 -7.91 36.26 -6.89
N PHE B 233 -6.92 35.43 -6.57
CA PHE B 233 -5.61 35.90 -6.18
C PHE B 233 -4.63 35.60 -7.29
N ASP B 234 -4.35 36.61 -8.11
CA ASP B 234 -3.44 36.46 -9.25
C ASP B 234 -2.00 36.41 -8.79
N PHE B 235 -1.46 35.20 -8.67
CA PHE B 235 -0.12 35.06 -8.13
C PHE B 235 0.95 35.40 -9.15
N GLN B 236 0.59 35.56 -10.41
CA GLN B 236 1.60 36.01 -11.37
C GLN B 236 1.90 37.47 -11.14
N ALA B 237 0.85 38.27 -11.03
CA ALA B 237 1.02 39.66 -10.61
C ALA B 237 1.69 39.71 -9.21
N ALA B 238 1.15 38.98 -8.25
CA ALA B 238 1.64 39.07 -6.88
C ALA B 238 3.15 38.84 -6.72
N TYR B 239 3.67 37.87 -7.46
CA TYR B 239 5.05 37.45 -7.30
C TYR B 239 5.94 37.89 -8.46
N GLY B 240 5.38 38.69 -9.36
CA GLY B 240 6.08 39.10 -10.59
C GLY B 240 6.64 37.94 -11.40
N LEU B 241 5.78 37.00 -11.76
CA LEU B 241 6.16 35.82 -12.55
C LEU B 241 6.10 36.05 -14.07
N SER B 242 6.91 35.31 -14.82
CA SER B 242 6.69 35.19 -16.25
C SER B 242 5.44 34.34 -16.34
N ASN B 243 4.80 34.27 -17.50
CA ASN B 243 3.59 33.43 -17.60
C ASN B 243 3.92 31.93 -17.55
N GLU B 244 5.04 31.58 -18.18
CA GLU B 244 5.56 30.21 -18.15
C GLU B 244 5.68 29.70 -16.71
N MET B 245 6.18 30.53 -15.81
CA MET B 245 6.35 30.14 -14.42
C MET B 245 5.01 30.05 -13.71
N ALA B 246 4.12 30.98 -14.02
CA ALA B 246 2.78 30.97 -13.44
C ALA B 246 2.06 29.66 -13.77
N LEU B 247 2.05 29.32 -15.05
CA LEU B 247 1.43 28.12 -15.55
C LEU B 247 2.05 26.84 -14.98
N ALA B 248 3.34 26.85 -14.67
CA ALA B 248 3.95 25.67 -14.09
C ALA B 248 3.49 25.48 -12.66
N ILE B 249 2.92 26.52 -12.06
CA ILE B 249 2.34 26.40 -10.73
C ILE B 249 0.89 25.88 -10.81
N SER B 250 0.04 26.59 -11.54
CA SER B 250 -1.26 26.02 -11.85
C SER B 250 -1.86 26.75 -13.02
N ASP B 251 -2.93 26.21 -13.55
CA ASP B 251 -3.62 27.00 -14.52
C ASP B 251 -4.82 27.70 -13.88
N HIS B 252 -4.94 27.63 -12.56
CA HIS B 252 -5.91 28.48 -11.82
C HIS B 252 -5.29 29.33 -10.75
N TYR B 253 -5.89 30.50 -10.53
CA TYR B 253 -5.66 31.25 -9.34
C TYR B 253 -6.51 30.72 -8.20
N PRO B 254 -5.98 30.81 -6.97
CA PRO B 254 -6.86 30.64 -5.84
C PRO B 254 -7.98 31.69 -5.88
N VAL B 255 -9.17 31.34 -5.39
CA VAL B 255 -10.15 32.37 -5.09
C VAL B 255 -10.17 32.40 -3.59
N GLU B 256 -10.25 33.61 -3.02
CA GLU B 256 -10.20 33.79 -1.58
C GLU B 256 -11.31 34.73 -1.05
N VAL B 257 -11.59 34.62 0.23
CA VAL B 257 -12.52 35.52 0.91
C VAL B 257 -12.02 35.73 2.36
N THR B 258 -12.48 36.80 3.00
CA THR B 258 -12.17 37.02 4.42
C THR B 258 -13.41 37.17 5.26
N LEU B 259 -13.43 36.42 6.36
CA LEU B 259 -14.50 36.48 7.32
C LEU B 259 -14.03 37.33 8.49
N THR B 260 -14.96 38.00 9.17
CA THR B 260 -14.62 38.84 10.32
C THR B 260 -15.47 38.58 11.56
N GLU C 1 11.70 -34.15 19.77
CA GLU C 1 11.81 -35.63 19.94
C GLU C 1 10.46 -36.31 20.22
N GLN C 2 9.39 -35.51 20.20
CA GLN C 2 8.12 -35.84 20.89
C GLN C 2 7.42 -37.17 20.56
N ALA C 3 6.46 -37.54 21.41
CA ALA C 3 5.66 -38.75 21.22
C ALA C 3 4.68 -38.55 20.06
N GLY C 4 4.55 -39.55 19.19
CA GLY C 4 3.61 -39.46 18.08
C GLY C 4 4.11 -38.62 16.91
N ARG C 5 5.43 -38.41 16.85
CA ARG C 5 6.06 -37.65 15.76
C ARG C 5 6.03 -38.39 14.43
N ASN C 6 6.34 -39.67 14.48
CA ASN C 6 6.32 -40.49 13.28
C ASN C 6 4.95 -40.48 12.60
N ALA C 7 3.89 -40.54 13.41
CA ALA C 7 2.52 -40.56 12.90
C ALA C 7 2.18 -39.23 12.25
N LEU C 8 2.63 -38.16 12.87
CA LEU C 8 2.57 -36.85 12.29
C LEU C 8 3.25 -36.84 10.90
N LEU C 9 4.50 -37.31 10.83
CA LEU C 9 5.27 -37.30 9.57
C LEU C 9 4.61 -38.18 8.51
N SER C 10 4.02 -39.28 8.96
CA SER C 10 3.26 -40.13 8.07
C SER C 10 2.04 -39.38 7.50
N ASP C 11 1.33 -38.64 8.34
CA ASP C 11 0.16 -37.86 7.93
C ASP C 11 0.55 -36.72 7.00
N ILE C 12 1.73 -36.15 7.18
CA ILE C 12 2.16 -35.11 6.26
C ILE C 12 2.44 -35.71 4.89
N SER C 13 2.87 -36.96 4.85
CA SER C 13 3.08 -37.65 3.57
C SER C 13 1.78 -37.97 2.84
N LYS C 14 0.76 -38.38 3.59
CA LYS C 14 -0.52 -38.71 2.98
C LYS C 14 -1.17 -37.47 2.35
N GLY C 15 -0.87 -36.29 2.86
CA GLY C 15 -1.50 -35.08 2.36
C GLY C 15 -2.90 -34.91 2.94
N LYS C 16 -3.53 -33.78 2.64
CA LYS C 16 -4.82 -33.46 3.23
C LYS C 16 -5.58 -32.49 2.33
N LYS C 17 -6.85 -32.79 2.10
CA LYS C 17 -7.73 -31.85 1.44
C LYS C 17 -7.94 -30.64 2.36
N LEU C 18 -7.76 -29.46 1.80
CA LEU C 18 -8.00 -28.23 2.53
C LEU C 18 -9.24 -27.52 1.94
N LYS C 19 -9.76 -26.52 2.65
CA LYS C 19 -11.03 -25.90 2.28
C LYS C 19 -10.93 -24.63 1.42
N LYS C 20 -11.83 -24.52 0.43
CA LYS C 20 -11.90 -23.35 -0.44
C LYS C 20 -11.94 -22.04 0.34
N THR C 21 -11.03 -21.14 0.02
CA THR C 21 -10.90 -19.90 0.75
C THR C 21 -10.60 -18.75 -0.18
N VAL C 22 -11.43 -17.72 -0.18
CA VAL C 22 -11.09 -16.53 -0.96
C VAL C 22 -10.14 -15.63 -0.16
N THR C 23 -8.93 -15.50 -0.69
CA THR C 23 -7.92 -14.60 -0.14
C THR C 23 -8.28 -13.14 -0.33
N ASN C 24 -8.12 -12.36 0.72
CA ASN C 24 -8.16 -10.92 0.62
C ASN C 24 -6.71 -10.47 0.42
N ASP C 25 -6.24 -10.62 -0.81
CA ASP C 25 -4.88 -10.29 -1.20
C ASP C 25 -4.69 -8.80 -1.40
N ARG C 26 -4.02 -8.14 -0.48
CA ARG C 26 -3.67 -6.76 -0.70
C ARG C 26 -2.17 -6.53 -1.04
N SER C 27 -1.56 -7.46 -1.76
CA SER C 27 -0.14 -7.34 -2.11
C SER C 27 0.08 -6.69 -3.48
N ALA C 28 -0.95 -6.72 -4.32
CA ALA C 28 -0.87 -6.10 -5.64
C ALA C 28 -0.35 -4.66 -5.58
N PRO C 29 0.57 -4.29 -6.49
CA PRO C 29 1.03 -2.91 -6.62
C PRO C 29 -0.11 -1.90 -6.85
N ILE C 30 -0.04 -0.75 -6.21
CA ILE C 30 -0.95 0.37 -6.52
C ILE C 30 -0.36 1.27 -7.62
N LEU C 31 -0.96 1.24 -8.80
CA LEU C 31 -0.31 1.74 -10.04
C LEU C 31 -0.61 3.21 -10.40
N ASP C 32 -1.18 3.95 -9.47
CA ASP C 32 -1.27 5.40 -9.60
C ASP C 32 -2.52 5.85 -8.88
#